data_4QDQ
#
_entry.id   4QDQ
#
_cell.length_a   41.047
_cell.length_b   120.808
_cell.length_c   69.837
_cell.angle_alpha   90.00
_cell.angle_beta   103.29
_cell.angle_gamma   90.00
#
_symmetry.space_group_name_H-M   'P 1 21 1'
#
loop_
_entity.id
_entity.type
_entity.pdbx_description
1 polymer Neuropilin-2
2 non-polymer GLYCEROL
3 non-polymer 'SULFATE ION'
4 water water
#
_entity_poly.entity_id   1
_entity_poly.type   'polypeptide(L)'
_entity_poly.pdbx_seq_one_letter_code
;GSHMQCNVPLGMESGRIANEQISASSTYSDGRWTPQQSRLHGDDNGWTPNLDSNKEYLQVDLRFLTMLTAIATQGAISRE
TQNGYYVKSYKLEVSTNGEDWMVYRHGKNHKVFQANNDATEVVLNKLHAPLLTRFVRIRPQTWHSGIALRLELFGCRVTD
APCSNMLGMLSGLIADSQISASSTQEYLWSPSAARLVSSRSGWFPRIPQAQPGEEWLQVDLGTPKTVKGVIIQGARGGDS
ITAVEARAFVRKFKVSYSLNGKDWEYIQDPRTQQPKLFEGNMHYDTPDIRRFDPIPAQYVRVYPERWSPAGIGMRLEVLG
CDWTSIIRR
;
_entity_poly.pdbx_strand_id   A,B
#
loop_
_chem_comp.id
_chem_comp.type
_chem_comp.name
_chem_comp.formula
GOL non-polymer GLYCEROL 'C3 H8 O3'
SO4 non-polymer 'SULFATE ION' 'O4 S -2'
#
# COMPACT_ATOMS: atom_id res chain seq x y z
N GLN A 5 -3.00 13.96 -24.02
CA GLN A 5 -3.60 14.86 -22.99
C GLN A 5 -4.51 14.14 -22.00
N CYS A 6 -4.78 14.80 -20.88
CA CYS A 6 -5.49 14.20 -19.76
C CYS A 6 -7.01 14.47 -19.81
N ASN A 7 -7.67 13.97 -20.85
CA ASN A 7 -9.12 14.16 -21.01
C ASN A 7 -9.87 12.91 -21.49
N VAL A 8 -9.32 11.75 -21.15
CA VAL A 8 -9.83 10.45 -21.60
C VAL A 8 -11.00 9.99 -20.71
N PRO A 9 -12.09 9.43 -21.31
CA PRO A 9 -13.18 8.90 -20.47
C PRO A 9 -12.66 7.82 -19.53
N LEU A 10 -13.02 7.92 -18.26
CA LEU A 10 -12.48 7.04 -17.23
C LEU A 10 -13.18 5.67 -17.13
N GLY A 11 -14.32 5.52 -17.79
CA GLY A 11 -14.90 4.19 -17.95
C GLY A 11 -16.34 3.97 -17.51
N MET A 12 -17.09 5.05 -17.33
CA MET A 12 -18.52 4.94 -17.06
C MET A 12 -19.25 4.35 -18.27
N GLU A 13 -19.12 4.99 -19.43
CA GLU A 13 -19.76 4.49 -20.64
C GLU A 13 -19.17 3.17 -21.16
N SER A 14 -17.85 3.02 -21.06
CA SER A 14 -17.17 1.85 -21.61
C SER A 14 -17.40 0.60 -20.77
N GLY A 15 -17.65 0.78 -19.49
CA GLY A 15 -17.77 -0.34 -18.56
C GLY A 15 -16.48 -0.64 -17.81
N ARG A 16 -15.42 0.13 -18.10
CA ARG A 16 -14.15 -0.03 -17.39
C ARG A 16 -14.34 0.21 -15.88
N ILE A 17 -15.18 1.18 -15.54
CA ILE A 17 -15.66 1.35 -14.16
C ILE A 17 -16.76 0.32 -13.96
N ALA A 18 -16.47 -0.70 -13.16
CA ALA A 18 -17.41 -1.81 -12.97
C ALA A 18 -18.57 -1.39 -12.08
N ASN A 19 -19.68 -2.12 -12.20
CA ASN A 19 -20.88 -1.85 -11.41
C ASN A 19 -20.63 -1.63 -9.92
N GLU A 20 -19.75 -2.44 -9.35
CA GLU A 20 -19.43 -2.40 -7.91
C GLU A 20 -18.66 -1.15 -7.49
N GLN A 21 -18.07 -0.47 -8.47
CA GLN A 21 -17.36 0.80 -8.22
C GLN A 21 -18.31 1.99 -8.14
N ILE A 22 -19.58 1.73 -8.44
CA ILE A 22 -20.60 2.78 -8.45
C ILE A 22 -21.60 2.54 -7.33
N SER A 23 -21.77 3.55 -6.47
CA SER A 23 -22.77 3.52 -5.40
C SER A 23 -23.44 4.89 -5.27
N ALA A 24 -24.34 5.02 -4.31
CA ALA A 24 -25.03 6.27 -4.05
C ALA A 24 -25.43 6.32 -2.58
N SER A 25 -25.77 7.51 -2.09
CA SER A 25 -26.34 7.67 -0.75
C SER A 25 -27.66 6.90 -0.57
N SER A 26 -28.41 6.79 -1.66
CA SER A 26 -29.67 6.03 -1.70
C SER A 26 -30.14 5.89 -3.14
N THR A 27 -31.17 5.07 -3.35
CA THR A 27 -31.74 4.85 -4.67
C THR A 27 -33.26 4.78 -4.59
N TYR A 28 -33.94 5.16 -5.66
CA TYR A 28 -35.41 5.14 -5.70
C TYR A 28 -35.87 3.73 -5.33
N SER A 29 -36.88 3.64 -4.46
CA SER A 29 -37.21 2.37 -3.80
C SER A 29 -37.73 1.22 -4.70
N ASP A 30 -38.20 1.54 -5.90
CA ASP A 30 -38.70 0.50 -6.82
C ASP A 30 -37.58 -0.25 -7.54
N GLY A 31 -36.34 0.22 -7.37
CA GLY A 31 -35.17 -0.43 -7.93
C GLY A 31 -34.96 -0.21 -9.41
N ARG A 32 -35.64 0.77 -9.99
CA ARG A 32 -35.56 1.02 -11.43
C ARG A 32 -34.63 2.17 -11.81
N TRP A 33 -33.96 2.73 -10.80
CA TRP A 33 -33.08 3.89 -10.98
C TRP A 33 -31.88 3.69 -10.08
N THR A 34 -31.15 2.61 -10.33
CA THR A 34 -30.01 2.23 -9.48
C THR A 34 -28.77 3.03 -9.89
N PRO A 35 -27.76 3.13 -9.00
CA PRO A 35 -26.52 3.85 -9.33
C PRO A 35 -25.82 3.29 -10.58
N GLN A 36 -26.02 2.00 -10.84
CA GLN A 36 -25.42 1.32 -11.98
C GLN A 36 -26.02 1.73 -13.32
N GLN A 37 -27.18 2.38 -13.28
CA GLN A 37 -27.81 2.92 -14.48
C GLN A 37 -27.37 4.36 -14.75
N SER A 38 -26.37 4.84 -14.02
CA SER A 38 -25.89 6.21 -14.18
C SER A 38 -24.83 6.39 -15.27
N ARG A 39 -24.68 5.40 -16.15
CA ARG A 39 -23.65 5.48 -17.18
C ARG A 39 -24.09 6.36 -18.33
N LEU A 40 -23.20 7.25 -18.77
CA LEU A 40 -23.52 8.18 -19.85
C LEU A 40 -24.02 7.40 -21.06
N HIS A 41 -25.07 7.92 -21.69
CA HIS A 41 -25.75 7.27 -22.83
C HIS A 41 -26.37 5.95 -22.49
N GLY A 42 -26.56 5.68 -21.19
CA GLY A 42 -27.26 4.48 -20.76
C GLY A 42 -28.69 4.52 -21.27
N ASP A 43 -29.24 3.36 -21.59
CA ASP A 43 -30.55 3.30 -22.25
C ASP A 43 -31.69 2.89 -21.31
N ASP A 44 -31.38 2.67 -20.04
CA ASP A 44 -32.39 2.31 -19.06
C ASP A 44 -32.36 3.26 -17.88
N ASN A 45 -33.23 4.27 -17.96
CA ASN A 45 -33.36 5.31 -16.93
C ASN A 45 -32.03 5.97 -16.56
N GLY A 46 -31.79 6.13 -15.26
CA GLY A 46 -30.56 6.73 -14.75
C GLY A 46 -30.58 6.54 -13.26
N TRP A 47 -29.61 7.11 -12.54
CA TRP A 47 -29.68 7.06 -11.09
C TRP A 47 -30.60 8.10 -10.52
N THR A 48 -31.40 7.68 -9.55
CA THR A 48 -32.30 8.53 -8.82
C THR A 48 -32.27 8.08 -7.37
N PRO A 49 -32.11 9.03 -6.43
CA PRO A 49 -32.08 8.72 -5.01
C PRO A 49 -33.46 8.40 -4.43
N ASN A 50 -33.47 7.99 -3.16
CA ASN A 50 -34.72 7.68 -2.45
C ASN A 50 -35.62 8.90 -2.31
N LEU A 51 -35.01 10.04 -2.03
CA LEU A 51 -35.72 11.31 -1.90
C LEU A 51 -35.00 12.37 -2.71
N ASP A 52 -35.75 13.31 -3.29
CA ASP A 52 -35.14 14.43 -4.02
C ASP A 52 -34.72 15.53 -3.03
N SER A 53 -33.42 15.65 -2.79
CA SER A 53 -32.86 16.73 -1.97
C SER A 53 -31.40 16.99 -2.33
N ASN A 54 -30.85 18.09 -1.82
CA ASN A 54 -29.44 18.44 -2.02
C ASN A 54 -28.49 17.72 -1.06
N LYS A 55 -28.99 16.71 -0.35
CA LYS A 55 -28.16 15.94 0.59
C LYS A 55 -27.77 14.58 0.03
N GLU A 56 -28.20 14.30 -1.20
CA GLU A 56 -27.95 13.01 -1.85
C GLU A 56 -26.73 13.09 -2.78
N TYR A 57 -26.16 11.94 -3.12
CA TYR A 57 -25.01 11.90 -4.01
C TYR A 57 -24.87 10.56 -4.75
N LEU A 58 -24.22 10.63 -5.91
CA LEU A 58 -23.76 9.47 -6.63
C LEU A 58 -22.25 9.42 -6.38
N GLN A 59 -21.71 8.21 -6.17
CA GLN A 59 -20.31 8.05 -5.82
C GLN A 59 -19.61 7.06 -6.75
N VAL A 60 -18.46 7.47 -7.29
CA VAL A 60 -17.66 6.57 -8.11
C VAL A 60 -16.31 6.31 -7.46
N ASP A 61 -15.97 5.04 -7.30
CA ASP A 61 -14.66 4.64 -6.78
C ASP A 61 -13.79 4.34 -7.99
N LEU A 62 -12.78 5.17 -8.21
CA LEU A 62 -11.82 5.00 -9.32
C LEU A 62 -10.70 4.02 -8.99
N ARG A 63 -10.77 3.42 -7.80
CA ARG A 63 -9.90 2.31 -7.35
C ARG A 63 -8.51 2.80 -6.91
N PHE A 64 -7.83 3.53 -7.78
CA PHE A 64 -6.53 4.11 -7.44
C PHE A 64 -6.52 5.60 -7.72
N LEU A 65 -5.50 6.30 -7.20
CA LEU A 65 -5.32 7.74 -7.47
C LEU A 65 -5.32 8.01 -8.97
N THR A 66 -6.17 8.96 -9.37
CA THR A 66 -6.44 9.25 -10.77
C THR A 66 -6.56 10.76 -10.93
N MET A 67 -6.11 11.27 -12.07
CA MET A 67 -6.32 12.66 -12.42
C MET A 67 -7.74 12.80 -12.97
N LEU A 68 -8.52 13.70 -12.37
CA LEU A 68 -9.85 14.04 -12.85
C LEU A 68 -9.84 15.45 -13.41
N THR A 69 -10.27 15.61 -14.67
CA THR A 69 -10.21 16.92 -15.33
C THR A 69 -11.55 17.46 -15.84
N ALA A 70 -12.53 16.57 -16.03
CA ALA A 70 -13.83 16.95 -16.60
C ALA A 70 -14.94 16.02 -16.13
N ILE A 71 -16.16 16.56 -16.09
CA ILE A 71 -17.36 15.77 -15.80
C ILE A 71 -18.41 16.07 -16.87
N ALA A 72 -19.04 15.02 -17.37
CA ALA A 72 -20.18 15.17 -18.27
C ALA A 72 -21.42 14.53 -17.64
N THR A 73 -22.57 15.20 -17.73
CA THR A 73 -23.82 14.69 -17.19
C THR A 73 -24.96 14.75 -18.20
N GLN A 74 -25.91 13.85 -18.01
CA GLN A 74 -27.22 13.90 -18.64
C GLN A 74 -28.26 13.71 -17.57
N GLY A 75 -29.50 14.05 -17.90
CA GLY A 75 -30.63 13.58 -17.14
C GLY A 75 -31.03 12.22 -17.66
N ALA A 76 -32.30 11.87 -17.47
CA ALA A 76 -32.82 10.60 -17.96
C ALA A 76 -34.31 10.70 -18.21
N ILE A 77 -34.76 10.00 -19.23
CA ILE A 77 -36.19 9.86 -19.50
C ILE A 77 -36.62 8.49 -18.98
N SER A 78 -37.72 8.48 -18.24
CA SER A 78 -38.29 7.25 -17.72
C SER A 78 -38.76 6.30 -18.84
N ARG A 79 -38.32 5.06 -18.77
CA ARG A 79 -38.78 4.03 -19.68
C ARG A 79 -40.25 3.71 -19.40
N GLU A 80 -40.66 3.86 -18.15
CA GLU A 80 -42.00 3.50 -17.73
C GLU A 80 -43.05 4.57 -18.02
N THR A 81 -42.66 5.85 -17.93
CA THR A 81 -43.63 6.95 -18.05
C THR A 81 -43.32 7.98 -19.14
N GLN A 82 -42.07 8.02 -19.60
CA GLN A 82 -41.61 8.98 -20.61
C GLN A 82 -41.39 10.39 -20.06
N ASN A 83 -41.53 10.55 -18.74
CA ASN A 83 -41.19 11.80 -18.09
C ASN A 83 -39.69 11.98 -18.06
N GLY A 84 -39.24 13.19 -18.34
CA GLY A 84 -37.82 13.52 -18.27
C GLY A 84 -37.48 14.09 -16.92
N TYR A 85 -36.31 13.73 -16.42
CA TYR A 85 -35.75 14.26 -15.19
C TYR A 85 -34.30 14.65 -15.46
N TYR A 86 -33.85 15.75 -14.86
CA TYR A 86 -32.44 16.15 -14.98
C TYR A 86 -31.96 17.01 -13.82
N VAL A 87 -30.65 16.96 -13.57
CA VAL A 87 -30.01 17.79 -12.55
C VAL A 87 -29.57 19.09 -13.21
N LYS A 88 -29.93 20.21 -12.57
CA LYS A 88 -29.65 21.53 -13.11
C LYS A 88 -28.31 22.06 -12.60
N SER A 89 -27.95 21.70 -11.37
CA SER A 89 -26.67 22.08 -10.78
C SER A 89 -26.17 21.05 -9.78
N TYR A 90 -24.84 20.91 -9.66
CA TYR A 90 -24.28 20.01 -8.69
C TYR A 90 -22.99 20.56 -8.07
N LYS A 91 -22.66 20.04 -6.89
CA LYS A 91 -21.35 20.26 -6.29
C LYS A 91 -20.52 18.99 -6.44
N LEU A 92 -19.21 19.14 -6.41
CA LEU A 92 -18.27 18.04 -6.52
C LEU A 92 -17.51 17.84 -5.21
N GLU A 93 -17.44 16.59 -4.76
CA GLU A 93 -16.74 16.24 -3.52
C GLU A 93 -15.82 15.04 -3.76
N VAL A 94 -14.57 15.18 -3.37
CA VAL A 94 -13.54 14.16 -3.64
C VAL A 94 -12.77 13.68 -2.41
N SER A 95 -12.16 12.50 -2.53
CA SER A 95 -11.45 11.86 -1.42
C SER A 95 -10.41 10.86 -1.94
N THR A 96 -9.28 10.77 -1.25
CA THR A 96 -8.29 9.73 -1.55
C THR A 96 -8.59 8.40 -0.84
N ASN A 97 -9.43 8.42 0.18
CA ASN A 97 -9.64 7.24 1.04
C ASN A 97 -11.10 6.84 1.31
N GLY A 98 -12.04 7.72 0.98
CA GLY A 98 -13.46 7.44 1.18
C GLY A 98 -14.01 7.95 2.49
N GLU A 99 -13.11 8.45 3.35
CA GLU A 99 -13.47 8.94 4.67
C GLU A 99 -13.32 10.46 4.74
N ASP A 100 -12.23 10.98 4.19
CA ASP A 100 -11.91 12.41 4.22
C ASP A 100 -12.29 13.09 2.91
N TRP A 101 -13.20 14.06 2.99
CA TRP A 101 -13.80 14.65 1.81
C TRP A 101 -13.46 16.09 1.60
N MET A 102 -13.32 16.49 0.34
CA MET A 102 -13.17 17.90 0.00
C MET A 102 -14.21 18.31 -1.02
N VAL A 103 -14.99 19.33 -0.68
CA VAL A 103 -15.90 19.94 -1.65
C VAL A 103 -15.07 20.84 -2.57
N TYR A 104 -15.14 20.57 -3.87
CA TYR A 104 -14.41 21.35 -4.85
C TYR A 104 -14.78 22.83 -4.76
N ARG A 105 -13.77 23.69 -4.75
CA ARG A 105 -13.97 25.13 -4.57
C ARG A 105 -13.56 25.96 -5.78
N HIS A 106 -14.20 27.12 -5.93
CA HIS A 106 -13.76 28.15 -6.87
C HIS A 106 -13.48 29.36 -6.05
N GLY A 107 -12.20 29.67 -5.83
CA GLY A 107 -11.82 30.70 -4.86
C GLY A 107 -12.28 30.29 -3.47
N LYS A 108 -12.87 31.23 -2.73
CA LYS A 108 -13.32 30.98 -1.37
C LYS A 108 -14.46 29.96 -1.22
N ASN A 109 -15.42 30.01 -2.14
CA ASN A 109 -16.64 29.23 -1.99
C ASN A 109 -16.68 27.94 -2.81
N HIS A 110 -17.64 27.08 -2.47
CA HIS A 110 -17.92 25.86 -3.22
C HIS A 110 -18.22 26.19 -4.66
N LYS A 111 -17.66 25.41 -5.57
CA LYS A 111 -17.98 25.52 -6.97
C LYS A 111 -19.35 24.88 -7.20
N VAL A 112 -20.29 25.67 -7.75
CA VAL A 112 -21.57 25.14 -8.17
C VAL A 112 -21.50 24.97 -9.68
N PHE A 113 -21.50 23.71 -10.13
CA PHE A 113 -21.45 23.39 -11.55
C PHE A 113 -22.83 23.54 -12.15
N GLN A 114 -22.92 24.28 -13.25
CA GLN A 114 -24.14 24.31 -14.05
C GLN A 114 -24.20 23.04 -14.87
N ALA A 115 -25.33 22.33 -14.79
CA ALA A 115 -25.48 21.03 -15.43
C ALA A 115 -26.61 21.13 -16.44
N ASN A 116 -27.34 20.04 -16.66
CA ASN A 116 -28.36 19.96 -17.73
C ASN A 116 -29.46 21.04 -17.82
N ASN A 117 -30.08 21.11 -19.00
CA ASN A 117 -31.23 21.95 -19.32
C ASN A 117 -32.38 21.12 -19.93
N ASP A 118 -32.09 19.84 -20.18
CA ASP A 118 -33.06 18.86 -20.67
C ASP A 118 -32.61 17.47 -20.22
N ALA A 119 -33.35 16.44 -20.61
CA ALA A 119 -33.07 15.06 -20.18
C ALA A 119 -32.17 14.26 -21.13
N THR A 120 -31.99 14.75 -22.36
CA THR A 120 -31.23 14.04 -23.40
C THR A 120 -29.78 14.53 -23.63
N GLU A 121 -29.55 15.85 -23.57
CA GLU A 121 -28.26 16.41 -23.96
C GLU A 121 -27.15 16.23 -22.94
N VAL A 122 -25.93 16.00 -23.44
CA VAL A 122 -24.72 15.94 -22.61
C VAL A 122 -24.23 17.35 -22.30
N VAL A 123 -23.92 17.60 -21.03
CA VAL A 123 -23.30 18.88 -20.64
C VAL A 123 -21.95 18.61 -19.98
N LEU A 124 -20.89 19.13 -20.57
CA LEU A 124 -19.52 18.89 -20.11
C LEU A 124 -19.00 20.09 -19.30
N ASN A 125 -18.43 19.80 -18.14
CA ASN A 125 -17.76 20.81 -17.35
C ASN A 125 -16.30 20.46 -17.15
N LYS A 126 -15.40 21.32 -17.67
CA LYS A 126 -13.96 21.16 -17.43
C LYS A 126 -13.60 21.82 -16.12
N LEU A 127 -12.90 21.09 -15.25
CA LEU A 127 -12.40 21.65 -14.00
C LEU A 127 -11.37 22.73 -14.32
N HIS A 128 -11.54 23.91 -13.73
CA HIS A 128 -10.57 25.01 -13.92
C HIS A 128 -9.23 24.64 -13.33
N ALA A 129 -9.25 23.68 -12.40
CA ALA A 129 -8.03 23.11 -11.83
C ALA A 129 -8.19 21.59 -11.64
N PRO A 130 -7.45 20.79 -12.48
CA PRO A 130 -7.44 19.32 -12.42
C PRO A 130 -7.14 18.76 -11.02
N LEU A 131 -7.60 17.53 -10.77
CA LEU A 131 -7.77 17.06 -9.39
C LEU A 131 -7.26 15.63 -9.21
N LEU A 132 -6.37 15.44 -8.24
CA LEU A 132 -5.87 14.10 -7.91
C LEU A 132 -6.77 13.48 -6.85
N THR A 133 -7.39 12.35 -7.18
CA THR A 133 -8.39 11.75 -6.28
C THR A 133 -8.65 10.27 -6.54
N ARG A 134 -9.37 9.63 -5.62
CA ARG A 134 -9.84 8.26 -5.83
C ARG A 134 -11.36 8.17 -5.92
N PHE A 135 -12.04 8.76 -4.94
CA PHE A 135 -13.50 8.74 -4.85
C PHE A 135 -14.08 10.08 -5.33
N VAL A 136 -15.14 10.01 -6.12
CA VAL A 136 -15.79 11.18 -6.67
C VAL A 136 -17.27 11.12 -6.30
N ARG A 137 -17.77 12.22 -5.76
CA ARG A 137 -19.19 12.35 -5.46
C ARG A 137 -19.76 13.52 -6.23
N ILE A 138 -20.88 13.27 -6.92
CA ILE A 138 -21.67 14.32 -7.54
C ILE A 138 -22.87 14.55 -6.63
N ARG A 139 -23.07 15.80 -6.22
CA ARG A 139 -24.11 16.11 -5.24
C ARG A 139 -25.06 17.13 -5.85
N PRO A 140 -26.18 16.66 -6.44
CA PRO A 140 -27.16 17.55 -7.09
C PRO A 140 -27.70 18.61 -6.14
N GLN A 141 -27.82 19.83 -6.64
CA GLN A 141 -28.27 20.97 -5.83
C GLN A 141 -29.63 21.44 -6.30
N THR A 142 -29.85 21.43 -7.61
CA THR A 142 -31.12 21.81 -8.21
C THR A 142 -31.44 20.84 -9.35
N TRP A 143 -32.73 20.69 -9.65
CA TRP A 143 -33.21 19.70 -10.63
C TRP A 143 -34.55 20.08 -11.22
N HIS A 144 -34.85 19.51 -12.38
CA HIS A 144 -36.17 19.65 -13.00
C HIS A 144 -36.98 18.40 -12.81
N SER A 145 -38.17 18.56 -12.23
N SER A 145 -38.17 18.57 -12.22
CA SER A 145 -39.08 17.45 -11.92
CA SER A 145 -39.08 17.47 -11.91
C SER A 145 -38.53 16.50 -10.85
C SER A 145 -38.53 16.50 -10.85
N GLY A 146 -37.24 16.19 -10.93
CA GLY A 146 -36.61 15.30 -9.97
C GLY A 146 -35.16 15.03 -10.35
N ILE A 147 -34.42 14.42 -9.43
CA ILE A 147 -33.02 14.06 -9.68
C ILE A 147 -32.95 12.78 -10.51
N ALA A 148 -32.31 12.89 -11.66
CA ALA A 148 -31.86 11.74 -12.44
C ALA A 148 -30.51 12.07 -13.03
N LEU A 149 -29.61 11.11 -13.05
CA LEU A 149 -28.25 11.38 -13.44
C LEU A 149 -27.67 10.23 -14.26
N ARG A 150 -27.11 10.58 -15.41
CA ARG A 150 -26.12 9.76 -16.10
C ARG A 150 -24.82 10.56 -16.20
N LEU A 151 -23.70 9.86 -16.19
CA LEU A 151 -22.42 10.47 -15.86
C LEU A 151 -21.26 9.92 -16.67
N GLU A 152 -20.33 10.80 -17.01
CA GLU A 152 -18.99 10.38 -17.43
C GLU A 152 -17.92 11.22 -16.75
N LEU A 153 -16.81 10.57 -16.42
CA LEU A 153 -15.69 11.26 -15.79
C LEU A 153 -14.50 11.20 -16.76
N PHE A 154 -13.69 12.26 -16.76
CA PHE A 154 -12.58 12.37 -17.68
C PHE A 154 -11.28 12.66 -16.96
N GLY A 155 -10.20 12.04 -17.42
CA GLY A 155 -8.88 12.31 -16.88
C GLY A 155 -7.85 11.29 -17.35
N CYS A 156 -6.94 10.94 -16.45
CA CYS A 156 -5.84 10.05 -16.75
C CYS A 156 -5.14 9.58 -15.47
N ARG A 157 -4.24 8.61 -15.60
CA ARG A 157 -3.38 8.21 -14.49
C ARG A 157 -2.14 9.09 -14.46
N VAL A 158 -1.56 9.27 -13.27
CA VAL A 158 -0.30 10.00 -13.11
C VAL A 158 0.82 9.32 -13.91
N THR A 159 0.78 7.98 -13.93
CA THR A 159 1.80 7.20 -14.61
C THR A 159 1.62 7.14 -16.13
N ASP A 160 0.60 7.82 -16.66
CA ASP A 160 0.46 7.99 -18.11
C ASP A 160 1.63 8.83 -18.64
N ALA A 161 2.10 9.76 -17.82
CA ALA A 161 3.26 10.60 -18.16
C ALA A 161 4.55 9.79 -18.09
N PRO A 162 5.55 10.11 -18.94
CA PRO A 162 6.79 9.32 -18.95
C PRO A 162 7.64 9.56 -17.70
N CYS A 163 8.31 8.50 -17.23
CA CYS A 163 9.14 8.55 -16.02
C CYS A 163 8.38 9.25 -14.88
N SER A 164 7.25 8.67 -14.49
CA SER A 164 6.40 9.31 -13.48
C SER A 164 6.06 8.37 -12.33
N ASN A 165 6.38 7.09 -12.49
CA ASN A 165 6.00 6.07 -11.52
C ASN A 165 6.22 6.42 -10.06
N MET A 166 5.17 6.22 -9.24
CA MET A 166 5.26 6.36 -7.80
C MET A 166 6.34 5.44 -7.27
N LEU A 167 7.35 6.00 -6.60
CA LEU A 167 8.56 5.22 -6.33
C LEU A 167 8.48 4.27 -5.11
N GLY A 168 7.45 4.39 -4.30
CA GLY A 168 7.20 3.36 -3.29
C GLY A 168 6.86 3.82 -1.89
N MET A 169 6.52 5.10 -1.74
CA MET A 169 5.99 5.61 -0.48
C MET A 169 4.57 5.08 -0.24
N LEU A 170 3.73 5.20 -1.25
CA LEU A 170 2.35 4.74 -1.14
C LEU A 170 2.28 3.22 -1.00
N SER A 171 3.03 2.50 -1.84
CA SER A 171 2.94 1.04 -1.93
C SER A 171 3.64 0.31 -0.79
N GLY A 172 4.56 0.99 -0.11
CA GLY A 172 5.37 0.34 0.92
C GLY A 172 6.68 -0.22 0.39
N LEU A 173 6.89 -0.16 -0.93
CA LEU A 173 8.16 -0.58 -1.54
C LEU A 173 9.35 0.16 -0.92
N ILE A 174 9.18 1.46 -0.67
CA ILE A 174 10.16 2.24 0.10
C ILE A 174 9.91 1.90 1.58
N ALA A 175 10.90 1.31 2.22
CA ALA A 175 10.73 0.79 3.58
C ALA A 175 10.78 1.91 4.62
N ASP A 176 10.27 1.63 5.83
CA ASP A 176 10.29 2.59 6.93
C ASP A 176 11.67 3.17 7.19
N SER A 177 12.70 2.33 7.11
CA SER A 177 14.08 2.74 7.37
C SER A 177 14.59 3.80 6.40
N GLN A 178 13.93 3.92 5.23
CA GLN A 178 14.33 4.83 4.17
C GLN A 178 13.68 6.21 4.28
N ILE A 179 12.81 6.37 5.28
CA ILE A 179 12.05 7.61 5.50
C ILE A 179 12.47 8.20 6.84
N SER A 180 12.85 9.47 6.83
CA SER A 180 13.33 10.13 8.04
C SER A 180 12.99 11.61 8.00
N ALA A 181 13.16 12.29 9.14
CA ALA A 181 12.80 13.70 9.24
C ALA A 181 13.71 14.47 10.17
N SER A 182 13.67 15.79 10.05
CA SER A 182 14.44 16.69 10.89
C SER A 182 14.07 16.54 12.36
N SER A 183 12.77 16.42 12.63
CA SER A 183 12.26 16.25 14.00
C SER A 183 10.86 15.67 13.90
N THR A 184 10.35 15.15 15.02
CA THR A 184 9.01 14.59 15.07
C THR A 184 8.27 15.04 16.32
N GLN A 185 6.95 15.20 16.19
CA GLN A 185 6.08 15.57 17.31
C GLN A 185 6.17 14.51 18.42
N GLU A 186 5.95 13.27 18.05
CA GLU A 186 6.12 12.14 18.97
C GLU A 186 7.47 11.46 18.73
N TYR A 187 8.07 10.97 19.80
CA TYR A 187 9.28 10.17 19.65
C TYR A 187 8.93 8.69 19.72
N LEU A 188 9.77 7.86 19.10
CA LEU A 188 9.37 6.54 18.62
C LEU A 188 8.26 6.73 17.58
N TRP A 189 8.54 7.64 16.65
CA TRP A 189 7.68 7.94 15.51
C TRP A 189 7.74 6.81 14.53
N SER A 190 6.61 6.53 13.87
CA SER A 190 6.60 5.55 12.80
C SER A 190 6.71 6.25 11.45
N PRO A 191 7.79 5.96 10.70
CA PRO A 191 8.03 6.63 9.40
C PRO A 191 6.90 6.41 8.40
N SER A 192 6.19 5.30 8.52
CA SER A 192 5.01 5.03 7.69
C SER A 192 3.94 6.13 7.77
N ALA A 193 3.95 6.93 8.83
CA ALA A 193 2.99 8.05 8.97
C ALA A 193 3.07 9.05 7.81
N ALA A 194 4.24 9.12 7.17
CA ALA A 194 4.51 10.09 6.09
C ALA A 194 4.09 9.60 4.68
N ARG A 195 3.56 8.39 4.58
CA ARG A 195 3.22 7.81 3.27
C ARG A 195 2.00 8.44 2.64
N LEU A 196 2.15 8.92 1.40
CA LEU A 196 1.04 9.45 0.63
C LEU A 196 -0.13 8.47 0.61
N VAL A 197 -1.31 8.96 0.97
CA VAL A 197 -2.60 8.25 0.91
C VAL A 197 -2.73 7.10 1.92
N SER A 198 -1.80 6.16 1.91
CA SER A 198 -1.92 4.99 2.78
C SER A 198 -1.80 5.30 4.28
N SER A 199 -1.06 6.36 4.62
CA SER A 199 -1.02 6.84 6.01
C SER A 199 -2.36 7.41 6.45
N ARG A 200 -2.67 7.26 7.74
CA ARG A 200 -3.90 7.80 8.35
C ARG A 200 -3.58 8.90 9.36
N SER A 201 -2.33 9.36 9.34
CA SER A 201 -1.95 10.53 10.08
C SER A 201 -1.07 11.41 9.19
N GLY A 202 0.22 11.48 9.50
CA GLY A 202 1.12 12.29 8.72
C GLY A 202 2.38 12.56 9.50
N TRP A 203 3.39 13.08 8.81
CA TRP A 203 4.56 13.58 9.50
C TRP A 203 4.26 14.94 10.10
N PHE A 204 4.56 15.09 11.39
CA PHE A 204 4.53 16.37 12.08
C PHE A 204 5.89 16.60 12.73
N PRO A 205 6.51 17.78 12.51
CA PRO A 205 7.74 18.08 13.24
C PRO A 205 7.49 18.28 14.75
N ARG A 206 8.54 18.42 15.55
CA ARG A 206 8.37 18.52 17.01
C ARG A 206 7.37 19.60 17.41
N ILE A 207 7.54 20.79 16.83
CA ILE A 207 6.56 21.86 16.92
C ILE A 207 6.07 22.16 15.50
N PRO A 208 4.92 21.59 15.11
CA PRO A 208 4.39 21.76 13.73
C PRO A 208 4.30 23.23 13.28
N GLN A 209 4.08 24.13 14.23
CA GLN A 209 4.20 25.55 14.02
C GLN A 209 5.68 25.90 14.12
N ALA A 210 6.44 25.61 13.07
CA ALA A 210 7.89 25.70 13.12
C ALA A 210 8.48 26.82 12.28
N GLN A 211 9.81 26.83 12.19
CA GLN A 211 10.54 27.85 11.44
C GLN A 211 10.94 27.51 9.99
N PRO A 212 10.71 28.45 9.04
CA PRO A 212 10.88 28.13 7.61
C PRO A 212 12.30 27.68 7.31
N GLY A 213 12.45 26.60 6.54
CA GLY A 213 13.77 26.09 6.16
C GLY A 213 14.42 25.16 7.17
N GLU A 214 13.87 25.13 8.39
CA GLU A 214 14.43 24.34 9.49
C GLU A 214 14.03 22.85 9.45
N GLU A 215 12.82 22.57 8.98
CA GLU A 215 12.29 21.19 8.99
C GLU A 215 12.29 20.54 7.61
N TRP A 216 12.41 19.21 7.59
CA TRP A 216 12.41 18.47 6.34
C TRP A 216 12.01 17.05 6.53
N LEU A 217 11.41 16.48 5.48
CA LEU A 217 11.22 15.05 5.38
C LEU A 217 12.14 14.53 4.29
N GLN A 218 12.84 13.44 4.58
CA GLN A 218 13.80 12.86 3.65
C GLN A 218 13.38 11.47 3.18
N VAL A 219 13.42 11.26 1.87
CA VAL A 219 13.25 9.92 1.31
C VAL A 219 14.57 9.44 0.70
N ASP A 220 15.02 8.27 1.15
CA ASP A 220 16.16 7.58 0.58
C ASP A 220 15.64 6.48 -0.35
N LEU A 221 15.86 6.67 -1.66
CA LEU A 221 15.36 5.73 -2.66
C LEU A 221 16.15 4.41 -2.74
N GLY A 222 17.25 4.35 -2.00
CA GLY A 222 18.01 3.09 -1.86
C GLY A 222 19.02 2.90 -2.97
N THR A 223 18.78 3.55 -4.10
CA THR A 223 19.70 3.57 -5.24
C THR A 223 19.42 4.88 -6.00
N PRO A 224 20.40 5.39 -6.77
CA PRO A 224 20.10 6.59 -7.55
C PRO A 224 18.94 6.36 -8.53
N LYS A 225 18.03 7.32 -8.60
CA LYS A 225 16.92 7.27 -9.54
C LYS A 225 16.79 8.60 -10.29
N THR A 226 16.08 8.56 -11.41
CA THR A 226 15.69 9.77 -12.10
C THR A 226 14.41 10.23 -11.40
N VAL A 227 14.48 11.40 -10.79
CA VAL A 227 13.35 11.96 -10.03
C VAL A 227 12.74 13.11 -10.82
N LYS A 228 11.43 13.02 -11.07
CA LYS A 228 10.74 13.99 -11.90
C LYS A 228 9.63 14.76 -11.19
N GLY A 229 9.40 14.47 -9.92
CA GLY A 229 8.37 15.18 -9.18
C GLY A 229 8.07 14.60 -7.83
N VAL A 230 7.21 15.29 -7.09
CA VAL A 230 6.63 14.78 -5.86
C VAL A 230 5.11 14.93 -5.88
N ILE A 231 4.45 14.11 -5.08
CA ILE A 231 3.05 14.33 -4.74
C ILE A 231 3.00 14.64 -3.25
N ILE A 232 2.52 15.83 -2.92
CA ILE A 232 2.39 16.21 -1.53
C ILE A 232 0.92 16.20 -1.08
N GLN A 233 0.72 15.89 0.20
CA GLN A 233 -0.60 15.76 0.82
C GLN A 233 -0.48 16.36 2.22
N GLY A 234 -1.59 16.82 2.77
CA GLY A 234 -1.63 17.25 4.16
C GLY A 234 -1.74 16.06 5.08
N ALA A 235 -2.05 16.31 6.35
CA ALA A 235 -2.10 15.25 7.34
C ALA A 235 -3.48 15.20 7.96
N ARG A 236 -3.83 14.05 8.52
CA ARG A 236 -5.06 13.92 9.29
C ARG A 236 -4.80 14.27 10.75
N ALA A 246 -8.88 22.76 12.83
CA ALA A 246 -7.45 22.95 12.60
C ALA A 246 -6.88 21.79 11.78
N ARG A 247 -6.79 21.99 10.46
CA ARG A 247 -6.25 20.96 9.55
C ARG A 247 -4.82 21.31 9.16
N ALA A 248 -3.92 20.34 9.23
CA ALA A 248 -2.50 20.58 8.93
C ALA A 248 -2.12 20.20 7.51
N PHE A 249 -1.51 21.15 6.80
CA PHE A 249 -0.91 20.91 5.48
C PHE A 249 0.18 21.94 5.16
N VAL A 250 1.08 21.57 4.26
CA VAL A 250 2.13 22.47 3.81
C VAL A 250 1.56 23.33 2.68
N ARG A 251 1.90 24.61 2.71
CA ARG A 251 1.42 25.61 1.75
C ARG A 251 2.50 25.97 0.72
N LYS A 252 3.76 25.98 1.16
CA LYS A 252 4.91 26.25 0.30
C LYS A 252 6.10 25.41 0.76
N PHE A 253 6.90 24.95 -0.19
CA PHE A 253 8.07 24.13 0.12
C PHE A 253 9.18 24.23 -0.93
N LYS A 254 10.40 23.92 -0.49
CA LYS A 254 11.55 23.80 -1.38
C LYS A 254 11.94 22.31 -1.44
N VAL A 255 12.61 21.91 -2.52
CA VAL A 255 13.09 20.53 -2.65
C VAL A 255 14.59 20.52 -2.86
N SER A 256 15.29 19.74 -2.05
CA SER A 256 16.71 19.50 -2.28
C SER A 256 16.96 18.01 -2.53
N TYR A 257 18.06 17.71 -3.19
CA TYR A 257 18.32 16.33 -3.62
C TYR A 257 19.80 16.06 -3.66
N SER A 258 20.14 14.79 -3.52
CA SER A 258 21.53 14.35 -3.48
C SER A 258 21.68 13.03 -4.22
N LEU A 259 22.67 12.98 -5.10
CA LEU A 259 23.02 11.74 -5.77
C LEU A 259 23.87 10.89 -4.83
N ASN A 260 24.93 11.48 -4.28
CA ASN A 260 25.95 10.73 -3.54
C ASN A 260 25.74 10.68 -2.02
N GLY A 261 24.66 11.28 -1.53
CA GLY A 261 24.40 11.37 -0.10
C GLY A 261 25.31 12.34 0.64
N LYS A 262 26.16 13.06 -0.10
CA LYS A 262 27.11 13.98 0.50
C LYS A 262 26.82 15.43 0.07
N ASP A 263 26.73 15.64 -1.23
CA ASP A 263 26.46 16.95 -1.83
C ASP A 263 24.96 17.07 -2.16
N TRP A 264 24.39 18.23 -1.84
CA TRP A 264 22.97 18.51 -2.06
C TRP A 264 22.80 19.72 -2.95
N GLU A 265 21.69 19.76 -3.68
CA GLU A 265 21.32 20.94 -4.47
C GLU A 265 19.83 21.15 -4.29
N TYR A 266 19.39 22.41 -4.31
CA TYR A 266 17.95 22.70 -4.41
C TYR A 266 17.54 22.75 -5.86
N ILE A 267 16.29 22.39 -6.12
CA ILE A 267 15.71 22.61 -7.43
C ILE A 267 15.55 24.13 -7.53
N GLN A 268 16.04 24.67 -8.64
CA GLN A 268 16.12 26.11 -8.84
C GLN A 268 14.93 26.63 -9.62
N ASP A 269 14.53 27.86 -9.32
CA ASP A 269 13.58 28.56 -10.17
C ASP A 269 14.43 29.34 -11.15
N PRO A 270 14.43 28.92 -12.43
CA PRO A 270 15.34 29.51 -13.44
C PRO A 270 15.11 31.00 -13.61
N ARG A 271 13.85 31.41 -13.43
CA ARG A 271 13.43 32.80 -13.51
C ARG A 271 14.00 33.65 -12.37
N THR A 272 14.15 33.06 -11.19
CA THR A 272 14.61 33.80 -10.00
C THR A 272 16.07 33.53 -9.63
N GLN A 273 16.63 32.44 -10.15
CA GLN A 273 17.98 31.95 -9.82
C GLN A 273 18.16 31.64 -8.33
N GLN A 274 17.07 31.19 -7.71
CA GLN A 274 17.05 30.83 -6.29
C GLN A 274 16.27 29.53 -6.14
N PRO A 275 16.40 28.85 -4.97
CA PRO A 275 15.62 27.62 -4.79
C PRO A 275 14.14 27.84 -5.11
N LYS A 276 13.58 26.94 -5.91
CA LYS A 276 12.18 27.05 -6.33
C LYS A 276 11.23 26.89 -5.14
N LEU A 277 10.28 27.81 -5.05
CA LEU A 277 9.23 27.74 -4.03
C LEU A 277 8.01 27.06 -4.63
N PHE A 278 7.83 25.79 -4.32
CA PHE A 278 6.69 25.03 -4.83
C PHE A 278 5.41 25.32 -4.04
N GLU A 279 4.30 25.34 -4.76
CA GLU A 279 2.99 25.45 -4.15
C GLU A 279 2.63 24.13 -3.46
N GLY A 280 2.11 24.24 -2.24
CA GLY A 280 1.69 23.08 -1.46
C GLY A 280 0.22 22.75 -1.67
N ASN A 281 -0.45 22.32 -0.62
CA ASN A 281 -1.85 21.91 -0.70
C ASN A 281 -2.80 23.04 -0.27
N MET A 282 -4.09 22.84 -0.51
CA MET A 282 -5.13 23.75 -0.03
C MET A 282 -6.12 23.01 0.87
N HIS A 283 -5.81 21.75 1.17
CA HIS A 283 -6.68 20.85 1.91
C HIS A 283 -5.84 19.77 2.52
N TYR A 284 -6.32 19.15 3.58
CA TYR A 284 -5.53 18.15 4.29
C TYR A 284 -5.48 16.80 3.56
N ASP A 285 -6.50 16.50 2.74
CA ASP A 285 -6.55 15.20 2.08
C ASP A 285 -6.21 15.22 0.59
N THR A 286 -6.78 16.17 -0.15
CA THR A 286 -6.61 16.24 -1.61
C THR A 286 -5.16 16.53 -1.95
N PRO A 287 -4.45 15.54 -2.55
CA PRO A 287 -3.04 15.76 -2.83
C PRO A 287 -2.80 16.62 -4.07
N ASP A 288 -1.57 17.09 -4.22
CA ASP A 288 -1.16 17.88 -5.39
C ASP A 288 0.14 17.34 -5.96
N ILE A 289 0.16 17.18 -7.28
CA ILE A 289 1.35 16.78 -8.00
C ILE A 289 2.21 18.00 -8.35
N ARG A 290 3.50 17.92 -8.04
CA ARG A 290 4.43 18.96 -8.42
C ARG A 290 5.56 18.32 -9.19
N ARG A 291 5.59 18.53 -10.50
CA ARG A 291 6.65 17.97 -11.33
C ARG A 291 7.77 18.99 -11.52
N PHE A 292 8.94 18.50 -11.90
CA PHE A 292 10.07 19.35 -12.21
C PHE A 292 10.99 18.66 -13.22
N ASP A 293 11.98 19.39 -13.73
CA ASP A 293 12.95 18.83 -14.66
C ASP A 293 13.65 17.64 -14.02
N PRO A 294 13.73 16.50 -14.74
CA PRO A 294 14.26 15.26 -14.19
C PRO A 294 15.71 15.40 -13.72
N ILE A 295 15.96 14.92 -12.50
CA ILE A 295 17.29 15.01 -11.88
C ILE A 295 17.70 13.64 -11.31
N PRO A 296 18.99 13.30 -11.42
CA PRO A 296 19.50 12.08 -10.78
C PRO A 296 19.63 12.27 -9.27
N ALA A 297 18.97 11.41 -8.48
CA ALA A 297 19.04 11.50 -7.02
C ALA A 297 18.75 10.18 -6.34
N GLN A 298 19.42 9.95 -5.22
CA GLN A 298 19.07 8.85 -4.33
C GLN A 298 18.28 9.38 -3.14
N TYR A 299 18.60 10.60 -2.72
CA TYR A 299 17.97 11.20 -1.55
C TYR A 299 17.25 12.48 -1.95
N VAL A 300 16.04 12.64 -1.39
CA VAL A 300 15.22 13.80 -1.67
C VAL A 300 14.68 14.32 -0.34
N ARG A 301 14.75 15.64 -0.16
CA ARG A 301 14.19 16.28 1.02
C ARG A 301 13.17 17.31 0.62
N VAL A 302 12.05 17.31 1.34
CA VAL A 302 11.05 18.35 1.19
C VAL A 302 11.13 19.26 2.42
N TYR A 303 11.37 20.55 2.17
CA TYR A 303 11.55 21.56 3.21
C TYR A 303 10.32 22.48 3.25
N PRO A 304 9.43 22.31 4.25
CA PRO A 304 8.29 23.24 4.34
C PRO A 304 8.69 24.68 4.71
N GLU A 305 8.11 25.62 3.99
CA GLU A 305 8.46 27.03 4.11
C GLU A 305 7.27 27.83 4.65
N ARG A 306 6.07 27.47 4.18
N ARG A 306 6.07 27.46 4.19
CA ARG A 306 4.82 28.00 4.72
CA ARG A 306 4.83 28.00 4.73
C ARG A 306 3.84 26.84 4.88
C ARG A 306 3.82 26.86 4.87
N TRP A 307 2.87 27.03 5.78
CA TRP A 307 1.90 25.98 6.10
C TRP A 307 0.60 26.57 6.56
N SER A 308 -0.41 25.70 6.70
CA SER A 308 -1.73 26.10 7.17
C SER A 308 -1.62 26.59 8.64
N PRO A 309 -2.68 27.23 9.17
CA PRO A 309 -2.65 27.72 10.55
C PRO A 309 -2.37 26.65 11.61
N ALA A 310 -2.76 25.40 11.34
CA ALA A 310 -2.56 24.31 12.29
C ALA A 310 -1.14 23.76 12.29
N GLY A 311 -0.31 24.24 11.37
CA GLY A 311 1.10 23.88 11.34
C GLY A 311 1.40 22.87 10.25
N ILE A 312 2.64 22.40 10.23
CA ILE A 312 3.10 21.44 9.23
C ILE A 312 2.51 20.07 9.50
N GLY A 313 1.86 19.52 8.48
CA GLY A 313 1.46 18.12 8.44
C GLY A 313 1.63 17.69 6.99
N MET A 314 2.20 16.51 6.77
CA MET A 314 2.54 16.12 5.42
C MET A 314 2.61 14.62 5.19
N ARG A 315 2.06 14.20 4.05
CA ARG A 315 2.27 12.88 3.49
C ARG A 315 2.83 13.08 2.09
N LEU A 316 3.61 12.12 1.61
CA LEU A 316 4.44 12.36 0.43
C LEU A 316 4.65 11.12 -0.41
N GLU A 317 4.85 11.35 -1.70
CA GLU A 317 5.32 10.32 -2.61
C GLU A 317 6.30 10.98 -3.56
N VAL A 318 7.29 10.22 -4.01
CA VAL A 318 8.25 10.69 -4.99
C VAL A 318 7.96 10.04 -6.34
N LEU A 319 8.14 10.80 -7.41
CA LEU A 319 7.87 10.34 -8.77
C LEU A 319 9.13 10.29 -9.62
N GLY A 320 9.26 9.24 -10.42
CA GLY A 320 10.37 9.10 -11.35
C GLY A 320 10.50 7.72 -11.96
N CYS A 321 11.75 7.32 -12.24
CA CYS A 321 12.06 6.06 -12.90
C CYS A 321 13.53 5.70 -12.63
N ASP A 322 13.99 4.59 -13.21
CA ASP A 322 15.38 4.17 -13.03
C ASP A 322 16.38 5.15 -13.62
N TRP A 323 17.59 5.18 -13.06
CA TRP A 323 18.64 6.06 -13.51
C TRP A 323 19.70 5.31 -14.24
N THR A 324 20.29 5.98 -15.22
CA THR A 324 21.46 5.45 -15.90
C THR A 324 22.65 6.40 -15.71
N SER A 325 23.71 5.90 -15.07
CA SER A 325 24.94 6.68 -14.89
C SER A 325 25.70 6.82 -16.22
N ILE A 326 25.21 6.13 -17.25
CA ILE A 326 25.79 6.18 -18.59
C ILE A 326 25.13 7.28 -19.44
N ILE A 327 25.93 8.30 -19.77
CA ILE A 327 25.53 9.30 -20.77
C ILE A 327 26.48 9.20 -21.96
N ARG A 328 25.90 9.03 -23.14
CA ARG A 328 26.66 8.76 -24.35
C ARG A 328 27.47 9.97 -24.80
N ARG A 329 28.62 9.72 -25.41
CA ARG A 329 29.55 10.77 -25.75
C ARG A 329 29.84 10.77 -27.26
N GLN B 5 5.55 -26.96 -6.89
CA GLN B 5 6.13 -26.87 -5.52
C GLN B 5 6.94 -25.58 -5.31
N CYS B 6 7.09 -25.20 -4.04
CA CYS B 6 7.61 -23.90 -3.67
C CYS B 6 9.12 -23.99 -3.37
N ASN B 7 9.92 -24.25 -4.40
CA ASN B 7 11.35 -24.45 -4.24
C ASN B 7 12.21 -23.78 -5.34
N VAL B 8 11.64 -22.78 -5.98
CA VAL B 8 12.31 -22.08 -7.08
C VAL B 8 13.32 -21.09 -6.50
N PRO B 9 14.55 -21.01 -7.09
CA PRO B 9 15.51 -19.97 -6.69
C PRO B 9 14.90 -18.58 -6.84
N LEU B 10 15.08 -17.72 -5.84
CA LEU B 10 14.43 -16.41 -5.84
C LEU B 10 15.18 -15.32 -6.60
N GLY B 11 16.44 -15.55 -6.92
CA GLY B 11 17.13 -14.66 -7.86
C GLY B 11 18.52 -14.18 -7.50
N MET B 12 19.16 -14.80 -6.51
CA MET B 12 20.55 -14.45 -6.20
C MET B 12 21.45 -14.78 -7.39
N GLU B 13 21.46 -16.03 -7.83
CA GLU B 13 22.31 -16.43 -8.95
C GLU B 13 21.85 -15.82 -10.28
N SER B 14 20.53 -15.73 -10.47
CA SER B 14 20.00 -15.28 -11.76
C SER B 14 20.16 -13.77 -11.96
N GLY B 15 20.14 -13.02 -10.86
CA GLY B 15 20.16 -11.57 -10.93
C GLY B 15 18.77 -10.96 -10.82
N ARG B 16 17.75 -11.81 -10.74
CA ARG B 16 16.37 -11.36 -10.51
C ARG B 16 16.27 -10.55 -9.21
N ILE B 17 17.12 -10.88 -8.24
CA ILE B 17 17.34 -10.02 -7.05
C ILE B 17 18.47 -9.05 -7.38
N ALA B 18 18.10 -7.78 -7.58
CA ALA B 18 19.05 -6.76 -8.01
C ALA B 18 20.05 -6.41 -6.90
N ASN B 19 21.17 -5.78 -7.27
CA ASN B 19 22.22 -5.41 -6.32
C ASN B 19 21.71 -4.55 -5.16
N GLU B 20 20.80 -3.62 -5.48
CA GLU B 20 20.26 -2.70 -4.48
C GLU B 20 19.40 -3.41 -3.45
N GLN B 21 18.97 -4.63 -3.76
CA GLN B 21 18.17 -5.43 -2.84
C GLN B 21 19.05 -6.17 -1.83
N ILE B 22 20.36 -6.19 -2.08
CA ILE B 22 21.29 -6.87 -1.19
C ILE B 22 22.06 -5.83 -0.39
N SER B 23 22.12 -6.02 0.93
CA SER B 23 22.87 -5.15 1.81
C SER B 23 23.47 -5.98 2.96
N ALA B 24 24.20 -5.33 3.85
CA ALA B 24 24.78 -6.05 4.99
C ALA B 24 25.02 -5.13 6.16
N SER B 25 25.18 -5.71 7.35
CA SER B 25 25.51 -4.93 8.53
C SER B 25 26.78 -4.10 8.28
N SER B 26 27.76 -4.72 7.62
CA SER B 26 29.01 -4.05 7.23
C SER B 26 29.68 -4.85 6.12
N THR B 27 30.80 -4.33 5.61
CA THR B 27 31.60 -5.05 4.63
C THR B 27 33.09 -4.84 4.90
N TYR B 28 33.93 -5.77 4.45
CA TYR B 28 35.36 -5.69 4.68
C TYR B 28 35.96 -4.40 4.11
N SER B 29 36.95 -3.85 4.81
CA SER B 29 37.44 -2.48 4.57
C SER B 29 38.03 -2.20 3.19
N ASP B 30 38.56 -3.22 2.53
CA ASP B 30 39.22 -3.01 1.22
C ASP B 30 38.27 -3.01 0.03
N GLY B 31 36.98 -3.18 0.28
CA GLY B 31 35.95 -3.15 -0.76
C GLY B 31 35.95 -4.35 -1.69
N ARG B 32 36.69 -5.40 -1.34
CA ARG B 32 36.78 -6.59 -2.17
C ARG B 32 35.82 -7.72 -1.76
N TRP B 33 34.94 -7.43 -0.81
CA TRP B 33 34.02 -8.43 -0.29
C TRP B 33 32.61 -7.91 -0.03
N THR B 34 32.17 -7.00 -0.90
CA THR B 34 30.81 -6.42 -0.82
C THR B 34 29.62 -7.37 -0.73
N PRO B 35 28.47 -6.88 -0.20
CA PRO B 35 27.24 -7.66 -0.19
C PRO B 35 26.86 -8.14 -1.59
N GLN B 36 27.16 -7.35 -2.62
CA GLN B 36 26.80 -7.69 -4.00
C GLN B 36 27.60 -8.86 -4.56
N GLN B 37 28.66 -9.23 -3.86
CA GLN B 37 29.45 -10.41 -4.22
C GLN B 37 28.93 -11.71 -3.57
N SER B 38 27.76 -11.65 -2.94
CA SER B 38 27.24 -12.80 -2.18
C SER B 38 26.33 -13.75 -2.97
N ARG B 39 26.29 -13.60 -4.30
CA ARG B 39 25.43 -14.46 -5.11
C ARG B 39 26.02 -15.86 -5.24
N LEU B 40 25.18 -16.87 -5.01
CA LEU B 40 25.61 -18.26 -5.14
C LEU B 40 26.35 -18.47 -6.46
N HIS B 41 27.49 -19.16 -6.37
CA HIS B 41 28.40 -19.46 -7.50
C HIS B 41 29.11 -18.28 -8.13
N GLY B 42 29.06 -17.12 -7.48
CA GLY B 42 29.78 -15.94 -7.97
C GLY B 42 31.28 -16.18 -7.94
N ASP B 43 32.00 -15.66 -8.92
CA ASP B 43 33.43 -15.96 -9.01
C ASP B 43 34.35 -14.85 -8.50
N ASP B 44 33.78 -13.85 -7.83
CA ASP B 44 34.57 -12.76 -7.23
C ASP B 44 34.43 -12.70 -5.71
N ASN B 45 35.27 -13.46 -5.01
CA ASN B 45 35.21 -13.59 -3.55
C ASN B 45 33.79 -13.87 -3.07
N GLY B 46 33.34 -13.15 -2.04
CA GLY B 46 31.98 -13.29 -1.49
C GLY B 46 31.73 -12.12 -0.55
N TRP B 47 30.62 -12.13 0.18
CA TRP B 47 30.43 -11.10 1.21
C TRP B 47 31.20 -11.44 2.45
N THR B 48 31.90 -10.43 2.97
CA THR B 48 32.59 -10.51 4.26
C THR B 48 32.36 -9.19 5.00
N PRO B 49 31.98 -9.27 6.29
CA PRO B 49 31.77 -8.04 7.06
C PRO B 49 33.08 -7.38 7.49
N ASN B 50 32.96 -6.21 8.10
CA ASN B 50 34.10 -5.46 8.63
C ASN B 50 34.83 -6.20 9.76
N LEU B 51 34.07 -6.94 10.56
CA LEU B 51 34.64 -7.78 11.62
C LEU B 51 34.01 -9.17 11.59
N ASP B 52 34.74 -10.16 12.08
CA ASP B 52 34.21 -11.52 12.18
C ASP B 52 33.57 -11.70 13.53
N SER B 53 32.27 -11.43 13.59
CA SER B 53 31.52 -11.59 14.82
C SER B 53 30.11 -12.08 14.52
N ASN B 54 29.48 -12.69 15.51
CA ASN B 54 28.12 -13.18 15.38
C ASN B 54 27.06 -12.07 15.30
N LYS B 55 27.49 -10.83 15.52
CA LYS B 55 26.60 -9.68 15.37
C LYS B 55 26.33 -9.22 13.93
N GLU B 56 27.13 -9.71 12.98
CA GLU B 56 27.01 -9.29 11.59
C GLU B 56 25.91 -10.05 10.84
N TYR B 57 25.44 -9.48 9.73
CA TYR B 57 24.45 -10.15 8.89
C TYR B 57 24.47 -9.71 7.44
N LEU B 58 23.99 -10.61 6.57
CA LEU B 58 23.75 -10.29 5.17
C LEU B 58 22.23 -10.18 5.02
N GLN B 59 21.79 -9.13 4.33
CA GLN B 59 20.34 -8.87 4.20
C GLN B 59 19.87 -8.87 2.76
N VAL B 60 18.76 -9.56 2.51
CA VAL B 60 18.13 -9.56 1.20
C VAL B 60 16.70 -9.01 1.32
N ASP B 61 16.39 -7.99 0.53
CA ASP B 61 15.04 -7.45 0.46
C ASP B 61 14.37 -8.07 -0.75
N LEU B 62 13.37 -8.91 -0.50
CA LEU B 62 12.66 -9.57 -1.59
C LEU B 62 11.60 -8.65 -2.19
N ARG B 63 11.36 -7.53 -1.51
CA ARG B 63 10.48 -6.45 -1.98
C ARG B 63 9.00 -6.76 -1.84
N PHE B 64 8.62 -8.01 -2.09
CA PHE B 64 7.24 -8.46 -1.95
C PHE B 64 7.20 -9.62 -0.97
N LEU B 65 6.07 -9.75 -0.29
CA LEU B 65 5.81 -10.94 0.52
C LEU B 65 6.01 -12.18 -0.34
N THR B 66 6.89 -13.05 0.12
CA THR B 66 7.30 -14.23 -0.61
C THR B 66 7.37 -15.39 0.38
N MET B 67 7.06 -16.59 -0.09
CA MET B 67 7.30 -17.78 0.70
C MET B 67 8.79 -18.12 0.61
N LEU B 68 9.41 -18.36 1.77
CA LEU B 68 10.80 -18.83 1.81
C LEU B 68 10.79 -20.26 2.31
N THR B 69 11.43 -21.17 1.58
CA THR B 69 11.39 -22.59 1.93
C THR B 69 12.77 -23.20 2.18
N ALA B 70 13.81 -22.56 1.64
CA ALA B 70 15.15 -23.10 1.71
C ALA B 70 16.22 -22.02 1.57
N ILE B 71 17.41 -22.33 2.06
CA ILE B 71 18.55 -21.45 1.99
C ILE B 71 19.75 -22.29 1.58
N ALA B 72 20.48 -21.81 0.58
CA ALA B 72 21.74 -22.44 0.16
C ALA B 72 22.89 -21.48 0.42
N THR B 73 23.97 -22.01 0.95
CA THR B 73 25.16 -21.20 1.23
C THR B 73 26.42 -21.85 0.70
N GLN B 74 27.39 -21.00 0.37
CA GLN B 74 28.76 -21.40 0.12
C GLN B 74 29.61 -20.41 0.89
N GLY B 75 30.88 -20.78 1.10
CA GLY B 75 31.89 -19.82 1.48
C GLY B 75 32.51 -19.17 0.25
N ALA B 76 33.74 -18.69 0.39
CA ALA B 76 34.44 -18.10 -0.72
C ALA B 76 35.93 -18.31 -0.57
N ILE B 77 36.61 -18.47 -1.71
CA ILE B 77 38.07 -18.50 -1.75
C ILE B 77 38.58 -17.13 -2.22
N SER B 78 39.47 -16.53 -1.43
CA SER B 78 40.07 -15.23 -1.79
C SER B 78 40.84 -15.32 -3.10
N ARG B 79 40.57 -14.39 -4.01
CA ARG B 79 41.33 -14.31 -5.24
C ARG B 79 42.76 -13.86 -4.93
N GLU B 80 42.91 -13.10 -3.85
CA GLU B 80 44.19 -12.51 -3.47
C GLU B 80 45.10 -13.53 -2.76
N THR B 81 44.57 -14.25 -1.77
CA THR B 81 45.42 -15.11 -0.92
C THR B 81 45.22 -16.60 -1.14
N GLN B 82 44.13 -16.98 -1.81
CA GLN B 82 43.73 -18.39 -1.97
C GLN B 82 43.21 -19.04 -0.68
N ASN B 83 43.10 -18.25 0.39
CA ASN B 83 42.51 -18.72 1.65
C ASN B 83 41.01 -18.95 1.53
N GLY B 84 40.55 -20.06 2.07
CA GLY B 84 39.13 -20.37 2.12
C GLY B 84 38.50 -19.79 3.38
N TYR B 85 37.32 -19.23 3.21
CA TYR B 85 36.54 -18.72 4.32
C TYR B 85 35.14 -19.25 4.15
N TYR B 86 34.52 -19.67 5.24
CA TYR B 86 33.13 -20.11 5.20
C TYR B 86 32.48 -20.08 6.57
N VAL B 87 31.17 -19.87 6.53
CA VAL B 87 30.32 -19.90 7.70
C VAL B 87 29.99 -21.38 8.00
N LYS B 88 30.12 -21.77 9.27
CA LYS B 88 29.84 -23.16 9.69
C LYS B 88 28.42 -23.32 10.27
N SER B 89 27.89 -22.25 10.84
CA SER B 89 26.52 -22.22 11.35
C SER B 89 25.97 -20.80 11.33
N TYR B 90 24.66 -20.69 11.17
CA TYR B 90 24.02 -19.38 11.13
C TYR B 90 22.61 -19.41 11.70
N LYS B 91 22.12 -18.23 12.05
CA LYS B 91 20.73 -18.03 12.41
C LYS B 91 20.04 -17.27 11.29
N LEU B 92 18.72 -17.46 11.19
CA LEU B 92 17.90 -16.75 10.23
C LEU B 92 17.00 -15.76 10.95
N GLU B 93 16.93 -14.53 10.44
CA GLU B 93 16.03 -13.51 10.97
C GLU B 93 15.19 -12.97 9.80
N VAL B 94 13.88 -12.83 10.03
CA VAL B 94 12.95 -12.36 8.98
C VAL B 94 12.03 -11.22 9.45
N SER B 95 11.50 -10.49 8.47
CA SER B 95 10.67 -9.30 8.70
C SER B 95 9.78 -8.99 7.50
N THR B 96 8.56 -8.54 7.78
CA THR B 96 7.71 -8.03 6.71
C THR B 96 7.99 -6.58 6.35
N ASN B 97 8.66 -5.85 7.25
CA ASN B 97 8.75 -4.40 7.12
C ASN B 97 10.12 -3.77 7.37
N GLY B 98 11.11 -4.58 7.69
CA GLY B 98 12.48 -4.08 7.93
C GLY B 98 12.73 -3.56 9.34
N GLU B 99 11.67 -3.46 10.14
CA GLU B 99 11.75 -2.93 11.51
C GLU B 99 11.53 -4.01 12.55
N ASP B 100 10.51 -4.84 12.33
CA ASP B 100 10.11 -5.90 13.25
C ASP B 100 10.71 -7.24 12.81
N TRP B 101 11.52 -7.84 13.66
CA TRP B 101 12.29 -9.03 13.28
C TRP B 101 11.91 -10.25 14.06
N MET B 102 11.94 -11.39 13.38
CA MET B 102 11.79 -12.66 14.05
C MET B 102 12.96 -13.54 13.72
N VAL B 103 13.60 -14.05 14.77
CA VAL B 103 14.66 -15.04 14.63
C VAL B 103 13.99 -16.41 14.55
N TYR B 104 14.23 -17.11 13.44
CA TYR B 104 13.61 -18.40 13.20
C TYR B 104 13.89 -19.38 14.35
N ARG B 105 12.83 -20.05 14.79
CA ARG B 105 12.91 -20.94 15.94
C ARG B 105 12.60 -22.38 15.58
N HIS B 106 13.11 -23.30 16.39
CA HIS B 106 12.69 -24.68 16.35
C HIS B 106 12.26 -25.02 17.75
N GLY B 107 10.95 -25.06 17.97
CA GLY B 107 10.41 -25.14 19.33
C GLY B 107 10.61 -23.81 20.03
N LYS B 108 10.99 -23.88 21.30
CA LYS B 108 11.14 -22.69 22.14
C LYS B 108 12.31 -21.80 21.75
N ASN B 109 13.46 -22.41 21.46
CA ASN B 109 14.69 -21.67 21.23
C ASN B 109 15.02 -21.46 19.75
N HIS B 110 16.00 -20.61 19.49
CA HIS B 110 16.44 -20.31 18.12
C HIS B 110 16.92 -21.51 17.38
N LYS B 111 16.59 -21.56 16.09
CA LYS B 111 17.11 -22.57 15.20
C LYS B 111 18.51 -22.17 14.75
N VAL B 112 19.49 -23.02 15.00
CA VAL B 112 20.83 -22.82 14.47
C VAL B 112 20.99 -23.77 13.29
N PHE B 113 21.20 -23.20 12.10
CA PHE B 113 21.42 -24.02 10.90
C PHE B 113 22.88 -24.40 10.78
N GLN B 114 23.15 -25.66 10.49
CA GLN B 114 24.51 -26.08 10.17
C GLN B 114 24.78 -25.80 8.70
N ALA B 115 25.92 -25.16 8.43
CA ALA B 115 26.24 -24.67 7.09
C ALA B 115 27.50 -25.31 6.53
N ASN B 116 28.28 -24.56 5.75
CA ASN B 116 29.43 -25.09 5.00
C ASN B 116 30.48 -25.95 5.75
N ASN B 117 31.23 -26.73 4.98
CA ASN B 117 32.38 -27.48 5.50
C ASN B 117 33.69 -27.12 4.78
N ASP B 118 33.56 -26.43 3.63
CA ASP B 118 34.67 -26.01 2.82
C ASP B 118 34.25 -24.71 2.16
N ALA B 119 35.10 -24.11 1.33
CA ALA B 119 34.79 -22.81 0.74
C ALA B 119 33.98 -22.88 -0.56
N THR B 120 33.84 -24.07 -1.14
CA THR B 120 33.28 -24.18 -2.50
C THR B 120 31.96 -24.92 -2.62
N GLU B 121 31.70 -25.92 -1.79
CA GLU B 121 30.46 -26.69 -1.93
C GLU B 121 29.21 -26.00 -1.39
N VAL B 122 28.10 -26.17 -2.10
CA VAL B 122 26.81 -25.64 -1.67
C VAL B 122 26.24 -26.52 -0.55
N VAL B 123 25.76 -25.88 0.51
CA VAL B 123 25.00 -26.57 1.56
C VAL B 123 23.59 -25.98 1.60
N LEU B 124 22.59 -26.87 1.49
CA LEU B 124 21.20 -26.47 1.47
C LEU B 124 20.50 -26.82 2.78
N ASN B 125 19.79 -25.86 3.35
CA ASN B 125 18.92 -26.10 4.49
C ASN B 125 17.47 -25.79 4.12
N LYS B 126 16.62 -26.81 4.11
CA LYS B 126 15.18 -26.62 3.88
C LYS B 126 14.56 -26.27 5.22
N LEU B 127 13.66 -25.29 5.22
CA LEU B 127 13.02 -24.87 6.48
C LEU B 127 12.06 -25.96 6.94
N HIS B 128 12.10 -26.26 8.25
CA HIS B 128 11.16 -27.24 8.81
C HIS B 128 9.75 -26.76 8.68
N ALA B 129 9.59 -25.43 8.68
CA ALA B 129 8.30 -24.78 8.44
C ALA B 129 8.52 -23.51 7.59
N PRO B 130 8.12 -23.59 6.32
CA PRO B 130 8.29 -22.47 5.38
C PRO B 130 7.77 -21.14 5.91
N LEU B 131 8.41 -20.04 5.52
CA LEU B 131 8.07 -18.72 6.01
C LEU B 131 7.58 -17.71 4.99
N LEU B 132 6.60 -16.90 5.39
CA LEU B 132 6.14 -15.76 4.61
C LEU B 132 6.89 -14.52 5.09
N THR B 133 7.58 -13.85 4.18
CA THR B 133 8.45 -12.72 4.55
C THR B 133 8.83 -11.80 3.38
N ARG B 134 9.35 -10.63 3.71
CA ARG B 134 9.94 -9.73 2.73
C ARG B 134 11.46 -9.62 2.88
N PHE B 135 11.92 -9.37 4.09
CA PHE B 135 13.35 -9.20 4.37
C PHE B 135 13.94 -10.45 5.00
N VAL B 136 15.11 -10.86 4.54
CA VAL B 136 15.80 -12.06 5.03
C VAL B 136 17.20 -11.68 5.52
N ARG B 137 17.51 -12.03 6.76
CA ARG B 137 18.85 -11.86 7.30
C ARG B 137 19.47 -13.20 7.66
N ILE B 138 20.69 -13.42 7.16
CA ILE B 138 21.53 -14.56 7.57
C ILE B 138 22.54 -14.02 8.59
N ARG B 139 22.50 -14.57 9.80
CA ARG B 139 23.38 -14.14 10.88
C ARG B 139 24.37 -15.25 11.24
N PRO B 140 25.61 -15.19 10.69
CA PRO B 140 26.62 -16.22 10.97
C PRO B 140 26.92 -16.31 12.46
N GLN B 141 27.04 -17.54 12.96
CA GLN B 141 27.34 -17.78 14.39
C GLN B 141 28.77 -18.28 14.58
N THR B 142 29.20 -19.19 13.71
CA THR B 142 30.57 -19.72 13.72
C THR B 142 31.08 -19.81 12.28
N TRP B 143 32.39 -19.84 12.11
CA TRP B 143 33.01 -19.77 10.78
C TRP B 143 34.39 -20.36 10.79
N HIS B 144 34.88 -20.75 9.61
CA HIS B 144 36.27 -21.17 9.45
C HIS B 144 37.12 -20.05 8.92
N SER B 145 38.11 -19.64 9.72
N SER B 145 38.13 -19.67 9.70
CA SER B 145 39.07 -18.59 9.37
CA SER B 145 39.06 -18.57 9.39
C SER B 145 38.48 -17.18 9.30
C SER B 145 38.40 -17.20 9.48
N GLY B 146 37.21 -17.07 8.89
CA GLY B 146 36.47 -15.80 8.86
C GLY B 146 35.12 -15.96 8.18
N ILE B 147 34.26 -14.93 8.29
CA ILE B 147 32.96 -14.98 7.63
C ILE B 147 33.13 -14.68 6.13
N ALA B 148 32.70 -15.62 5.30
CA ALA B 148 32.48 -15.37 3.87
C ALA B 148 31.22 -16.11 3.42
N LEU B 149 30.37 -15.40 2.70
CA LEU B 149 29.09 -15.93 2.26
C LEU B 149 28.81 -15.72 0.79
N ARG B 150 28.36 -16.79 0.14
CA ARG B 150 27.58 -16.72 -1.07
C ARG B 150 26.27 -17.47 -0.79
N LEU B 151 25.19 -17.06 -1.44
CA LEU B 151 23.86 -17.43 -0.97
C LEU B 151 22.84 -17.55 -2.11
N GLU B 152 21.87 -18.44 -1.92
CA GLU B 152 20.65 -18.48 -2.72
C GLU B 152 19.48 -18.71 -1.79
N LEU B 153 18.35 -18.12 -2.13
CA LEU B 153 17.13 -18.34 -1.36
C LEU B 153 16.12 -19.01 -2.27
N PHE B 154 15.26 -19.83 -1.70
CA PHE B 154 14.30 -20.59 -2.51
C PHE B 154 12.91 -20.42 -1.97
N GLY B 155 11.93 -20.49 -2.86
CA GLY B 155 10.54 -20.32 -2.47
C GLY B 155 9.64 -20.02 -3.64
N CYS B 156 8.65 -19.18 -3.40
CA CYS B 156 7.65 -18.82 -4.42
C CYS B 156 6.81 -17.63 -3.96
N ARG B 157 6.21 -16.95 -4.92
CA ARG B 157 5.27 -15.87 -4.62
C ARG B 157 3.94 -16.45 -4.15
N VAL B 158 3.24 -15.71 -3.30
CA VAL B 158 1.90 -16.08 -2.84
C VAL B 158 0.95 -16.32 -4.02
N THR B 159 1.09 -15.51 -5.06
CA THR B 159 0.22 -15.55 -6.25
C THR B 159 0.56 -16.68 -7.23
N ASP B 160 1.64 -17.41 -6.98
CA ASP B 160 2.04 -18.54 -7.84
C ASP B 160 1.08 -19.73 -7.73
N ALA B 161 0.08 -19.60 -6.86
CA ALA B 161 -1.02 -20.55 -6.78
C ALA B 161 -2.22 -19.96 -7.53
N PRO B 162 -3.02 -20.82 -8.19
CA PRO B 162 -4.18 -20.29 -8.94
C PRO B 162 -5.21 -19.60 -8.05
N CYS B 163 -5.83 -18.53 -8.56
CA CYS B 163 -6.82 -17.73 -7.82
C CYS B 163 -6.35 -17.43 -6.39
N SER B 164 -5.18 -16.81 -6.27
CA SER B 164 -4.57 -16.53 -4.97
C SER B 164 -4.04 -15.08 -4.89
N ASN B 165 -4.80 -14.15 -5.48
CA ASN B 165 -4.49 -12.72 -5.36
C ASN B 165 -4.79 -12.20 -3.96
N MET B 166 -3.98 -11.26 -3.50
CA MET B 166 -4.33 -10.49 -2.30
C MET B 166 -5.43 -9.50 -2.69
N LEU B 167 -6.56 -9.58 -2.02
CA LEU B 167 -7.78 -8.91 -2.50
C LEU B 167 -7.87 -7.41 -2.21
N GLY B 168 -6.89 -6.88 -1.49
CA GLY B 168 -6.79 -5.43 -1.36
C GLY B 168 -6.67 -4.85 0.02
N MET B 169 -6.50 -5.68 1.03
CA MET B 169 -6.25 -5.15 2.37
C MET B 169 -4.90 -4.46 2.42
N LEU B 170 -3.85 -5.15 2.00
CA LEU B 170 -2.48 -4.63 2.00
C LEU B 170 -2.34 -3.40 1.10
N SER B 171 -2.92 -3.47 -0.09
CA SER B 171 -2.74 -2.42 -1.11
C SER B 171 -3.62 -1.20 -0.85
N GLY B 172 -4.69 -1.37 -0.08
CA GLY B 172 -5.64 -0.29 0.15
C GLY B 172 -6.80 -0.28 -0.84
N LEU B 173 -6.80 -1.20 -1.81
CA LEU B 173 -7.95 -1.34 -2.72
C LEU B 173 -9.25 -1.57 -1.95
N ILE B 174 -9.19 -2.37 -0.89
CA ILE B 174 -10.33 -2.51 0.03
C ILE B 174 -10.30 -1.28 0.92
N ALA B 175 -11.33 -0.44 0.81
CA ALA B 175 -11.31 0.86 1.47
C ALA B 175 -11.66 0.69 2.94
N ASP B 176 -11.34 1.71 3.73
CA ASP B 176 -11.61 1.73 5.17
C ASP B 176 -13.06 1.40 5.53
N SER B 177 -14.00 1.88 4.72
CA SER B 177 -15.43 1.65 4.97
C SER B 177 -15.84 0.19 4.80
N GLN B 178 -14.99 -0.59 4.13
CA GLN B 178 -15.27 -2.00 3.87
C GLN B 178 -14.74 -2.91 4.98
N ILE B 179 -14.03 -2.32 5.93
CA ILE B 179 -13.47 -3.05 7.06
C ILE B 179 -14.22 -2.70 8.35
N SER B 180 -14.71 -3.72 9.06
CA SER B 180 -15.39 -3.50 10.32
C SER B 180 -15.07 -4.61 11.32
N ALA B 181 -15.42 -4.39 12.59
CA ALA B 181 -15.10 -5.32 13.66
C ALA B 181 -16.19 -5.34 14.73
N SER B 182 -16.24 -6.44 15.49
CA SER B 182 -17.19 -6.58 16.60
C SER B 182 -17.04 -5.47 17.62
N SER B 183 -15.80 -5.10 17.92
CA SER B 183 -15.49 -4.00 18.82
C SER B 183 -14.03 -3.60 18.66
N THR B 184 -13.67 -2.46 19.25
CA THR B 184 -12.29 -1.97 19.23
C THR B 184 -11.96 -1.36 20.59
N GLN B 185 -10.67 -1.34 20.94
CA GLN B 185 -10.22 -0.63 22.13
C GLN B 185 -10.49 0.87 22.02
N GLU B 186 -10.24 1.42 20.83
CA GLU B 186 -10.49 2.82 20.50
C GLU B 186 -11.97 3.11 20.42
N TYR B 187 -12.34 4.37 20.61
CA TYR B 187 -13.73 4.78 20.42
C TYR B 187 -14.07 4.92 18.95
N LEU B 188 -13.18 5.53 18.18
CA LEU B 188 -13.30 5.57 16.72
C LEU B 188 -12.00 5.07 16.11
N TRP B 189 -12.02 3.77 15.86
CA TRP B 189 -10.93 3.03 15.24
C TRP B 189 -10.68 3.51 13.84
N SER B 190 -9.42 3.54 13.42
CA SER B 190 -9.10 3.65 12.01
C SER B 190 -9.02 2.23 11.45
N PRO B 191 -9.95 1.86 10.54
CA PRO B 191 -9.98 0.49 10.03
C PRO B 191 -8.69 0.11 9.32
N SER B 192 -7.92 1.08 8.81
CA SER B 192 -6.61 0.79 8.22
C SER B 192 -5.64 0.10 9.17
N ALA B 193 -5.89 0.22 10.47
CA ALA B 193 -5.04 -0.45 11.44
C ALA B 193 -5.08 -1.98 11.29
N ALA B 194 -6.07 -2.50 10.58
CA ALA B 194 -6.23 -3.96 10.40
C ALA B 194 -5.55 -4.54 9.15
N ARG B 195 -4.91 -3.69 8.35
CA ARG B 195 -4.33 -4.12 7.06
C ARG B 195 -3.02 -4.89 7.22
N LEU B 196 -2.99 -6.12 6.69
CA LEU B 196 -1.78 -6.94 6.66
C LEU B 196 -0.59 -6.11 6.19
N VAL B 197 0.52 -6.23 6.93
CA VAL B 197 1.81 -5.63 6.55
C VAL B 197 1.80 -4.10 6.59
N SER B 198 0.88 -3.46 5.87
CA SER B 198 0.79 -2.00 5.78
C SER B 198 0.57 -1.27 7.11
N SER B 199 -0.29 -1.83 7.94
CA SER B 199 -0.57 -1.25 9.25
C SER B 199 0.65 -1.33 10.17
N ARG B 200 0.79 -0.33 11.04
CA ARG B 200 1.84 -0.33 12.06
C ARG B 200 1.25 -0.53 13.46
N SER B 201 0.02 -1.02 13.52
CA SER B 201 -0.54 -1.42 14.81
C SER B 201 -1.33 -2.70 14.59
N GLY B 202 -2.65 -2.61 14.58
CA GLY B 202 -3.46 -3.79 14.38
C GLY B 202 -4.87 -3.55 14.86
N TRP B 203 -5.71 -4.56 14.65
CA TRP B 203 -7.03 -4.56 15.24
C TRP B 203 -6.94 -5.11 16.63
N PHE B 204 -7.39 -4.31 17.60
CA PHE B 204 -7.50 -4.74 18.99
C PHE B 204 -8.95 -4.56 19.44
N PRO B 205 -9.65 -5.67 19.73
CA PRO B 205 -11.02 -5.59 20.23
C PRO B 205 -11.10 -5.02 21.65
N ARG B 206 -12.30 -4.63 22.07
CA ARG B 206 -12.52 -3.84 23.31
C ARG B 206 -11.76 -4.36 24.52
N ILE B 207 -11.98 -5.62 24.87
CA ILE B 207 -11.20 -6.29 25.89
C ILE B 207 -10.43 -7.39 25.14
N PRO B 208 -9.09 -7.25 25.03
CA PRO B 208 -8.32 -8.27 24.30
C PRO B 208 -8.36 -9.62 25.02
N GLN B 209 -8.86 -9.60 26.25
CA GLN B 209 -9.16 -10.81 27.00
C GLN B 209 -10.67 -10.97 27.02
N ALA B 210 -11.19 -11.52 25.94
CA ALA B 210 -12.63 -11.68 25.77
C ALA B 210 -12.88 -13.14 25.49
N GLN B 211 -14.15 -13.54 25.51
CA GLN B 211 -14.47 -14.95 25.27
C GLN B 211 -14.22 -15.50 23.87
N PRO B 212 -13.74 -16.75 23.77
CA PRO B 212 -13.43 -17.36 22.47
C PRO B 212 -14.61 -17.34 21.50
N GLY B 213 -14.33 -16.96 20.26
CA GLY B 213 -15.31 -16.98 19.18
C GLY B 213 -16.33 -15.85 19.20
N GLU B 214 -16.14 -14.88 20.08
CA GLU B 214 -17.10 -13.78 20.27
C GLU B 214 -16.75 -12.58 19.40
N GLU B 215 -15.47 -12.22 19.37
CA GLU B 215 -14.99 -11.06 18.59
C GLU B 215 -14.73 -11.45 17.15
N TRP B 216 -14.89 -10.49 16.23
CA TRP B 216 -14.66 -10.74 14.82
C TRP B 216 -14.15 -9.54 14.09
N LEU B 217 -13.42 -9.81 13.02
CA LEU B 217 -13.02 -8.79 12.06
C LEU B 217 -13.65 -9.14 10.73
N GLN B 218 -14.31 -8.17 10.11
CA GLN B 218 -15.02 -8.41 8.85
C GLN B 218 -14.45 -7.60 7.69
N VAL B 219 -14.29 -8.29 6.56
CA VAL B 219 -13.94 -7.64 5.30
C VAL B 219 -15.10 -7.74 4.31
N ASP B 220 -15.57 -6.59 3.84
CA ASP B 220 -16.57 -6.51 2.79
C ASP B 220 -15.82 -6.32 1.47
N LEU B 221 -15.79 -7.36 0.64
CA LEU B 221 -15.06 -7.29 -0.62
C LEU B 221 -15.76 -6.41 -1.66
N GLY B 222 -16.96 -5.94 -1.33
CA GLY B 222 -17.68 -4.95 -2.15
C GLY B 222 -18.47 -5.56 -3.29
N THR B 223 -18.13 -6.78 -3.65
CA THR B 223 -18.83 -7.55 -4.68
C THR B 223 -18.53 -9.03 -4.42
N PRO B 224 -19.37 -9.96 -4.93
CA PRO B 224 -19.03 -11.39 -4.79
C PRO B 224 -17.73 -11.79 -5.48
N LYS B 225 -16.89 -12.53 -4.76
CA LYS B 225 -15.62 -12.99 -5.27
C LYS B 225 -15.39 -14.45 -4.89
N THR B 226 -14.36 -15.06 -5.46
CA THR B 226 -13.94 -16.39 -5.07
C THR B 226 -12.88 -16.21 -3.98
N VAL B 227 -13.15 -16.74 -2.80
CA VAL B 227 -12.21 -16.66 -1.69
C VAL B 227 -11.57 -18.02 -1.51
N LYS B 228 -10.23 -18.04 -1.44
CA LYS B 228 -9.46 -19.28 -1.41
C LYS B 228 -8.46 -19.32 -0.26
N GLY B 229 -8.45 -18.28 0.57
CA GLY B 229 -7.55 -18.23 1.70
C GLY B 229 -7.52 -16.91 2.44
N VAL B 230 -6.80 -16.89 3.56
CA VAL B 230 -6.50 -15.67 4.29
C VAL B 230 -5.02 -15.65 4.65
N ILE B 231 -4.50 -14.45 4.88
CA ILE B 231 -3.20 -14.29 5.52
C ILE B 231 -3.39 -13.52 6.81
N ILE B 232 -3.01 -14.14 7.92
CA ILE B 232 -3.18 -13.52 9.23
C ILE B 232 -1.82 -13.08 9.75
N GLN B 233 -1.84 -12.00 10.54
CA GLN B 233 -0.63 -11.43 11.11
C GLN B 233 -1.01 -10.96 12.50
N GLY B 234 -0.02 -10.87 13.40
CA GLY B 234 -0.22 -10.28 14.71
C GLY B 234 -0.29 -8.76 14.65
N ALA B 235 -0.21 -8.13 15.81
CA ALA B 235 -0.26 -6.68 15.89
C ALA B 235 0.99 -6.11 16.56
N ARG B 236 1.41 -4.93 16.11
CA ARG B 236 2.54 -4.22 16.70
C ARG B 236 2.12 -3.58 18.01
N ALA B 246 4.11 -5.66 24.96
CA ALA B 246 2.87 -5.39 24.23
C ALA B 246 2.91 -5.94 22.79
N ARG B 247 3.23 -7.23 22.67
CA ARG B 247 3.20 -7.91 21.38
C ARG B 247 2.09 -8.97 21.39
N ALA B 248 1.02 -8.68 20.67
CA ALA B 248 -0.15 -9.58 20.60
C ALA B 248 -0.22 -10.31 19.25
N PHE B 249 -0.80 -11.50 19.27
CA PHE B 249 -1.13 -12.24 18.05
C PHE B 249 -2.18 -13.32 18.31
N VAL B 250 -2.97 -13.62 17.27
CA VAL B 250 -3.98 -14.66 17.34
C VAL B 250 -3.35 -16.02 17.07
N ARG B 251 -3.70 -17.00 17.90
CA ARG B 251 -3.11 -18.33 17.83
C ARG B 251 -3.98 -19.38 17.14
N LYS B 252 -5.30 -19.24 17.28
CA LYS B 252 -6.29 -20.10 16.63
C LYS B 252 -7.47 -19.23 16.23
N PHE B 253 -8.11 -19.56 15.11
CA PHE B 253 -9.26 -18.80 14.63
C PHE B 253 -10.20 -19.60 13.75
N LYS B 254 -11.45 -19.16 13.69
CA LYS B 254 -12.44 -19.71 12.79
C LYS B 254 -12.74 -18.70 11.68
N VAL B 255 -13.18 -19.18 10.53
CA VAL B 255 -13.54 -18.29 9.41
C VAL B 255 -15.01 -18.48 9.02
N SER B 256 -15.75 -17.37 8.90
CA SER B 256 -17.11 -17.39 8.37
C SER B 256 -17.23 -16.51 7.13
N TYR B 257 -18.21 -16.81 6.28
CA TYR B 257 -18.38 -16.08 5.01
C TYR B 257 -19.84 -15.99 4.58
N SER B 258 -20.13 -15.04 3.70
CA SER B 258 -21.48 -14.83 3.20
C SER B 258 -21.44 -14.21 1.80
N LEU B 259 -22.30 -14.73 0.93
CA LEU B 259 -22.49 -14.17 -0.39
C LEU B 259 -23.42 -12.96 -0.37
N ASN B 260 -24.56 -13.07 0.32
CA ASN B 260 -25.59 -12.03 0.30
C ASN B 260 -25.69 -11.16 1.56
N GLY B 261 -24.78 -11.38 2.51
CA GLY B 261 -24.82 -10.62 3.78
C GLY B 261 -25.80 -11.13 4.82
N LYS B 262 -26.70 -12.04 4.42
CA LYS B 262 -27.75 -12.55 5.30
C LYS B 262 -27.48 -13.99 5.73
N ASP B 263 -27.18 -14.85 4.75
CA ASP B 263 -26.84 -16.24 5.02
C ASP B 263 -25.34 -16.38 5.23
N TRP B 264 -24.96 -16.90 6.40
CA TRP B 264 -23.55 -17.10 6.78
C TRP B 264 -23.24 -18.54 7.03
N GLU B 265 -22.04 -18.95 6.63
CA GLU B 265 -21.53 -20.28 6.92
C GLU B 265 -20.08 -20.19 7.38
N TYR B 266 -19.68 -21.12 8.24
CA TYR B 266 -18.29 -21.29 8.64
C TYR B 266 -17.64 -22.30 7.72
N ILE B 267 -16.37 -22.07 7.39
CA ILE B 267 -15.59 -23.14 6.78
C ILE B 267 -15.56 -24.25 7.82
N GLN B 268 -16.03 -25.43 7.42
CA GLN B 268 -16.18 -26.57 8.34
C GLN B 268 -14.93 -27.44 8.36
N ASP B 269 -14.67 -28.07 9.50
CA ASP B 269 -13.62 -29.09 9.56
C ASP B 269 -14.28 -30.42 9.16
N PRO B 270 -13.84 -30.99 8.02
CA PRO B 270 -14.42 -32.22 7.49
C PRO B 270 -14.50 -33.33 8.54
N ARG B 271 -13.48 -33.39 9.40
CA ARG B 271 -13.30 -34.47 10.36
C ARG B 271 -13.93 -34.24 11.75
N THR B 272 -14.58 -33.09 11.94
CA THR B 272 -15.23 -32.81 13.23
C THR B 272 -16.69 -32.33 13.13
N GLN B 273 -17.16 -32.08 11.90
CA GLN B 273 -18.48 -31.48 11.65
C GLN B 273 -18.69 -30.22 12.48
N GLN B 274 -17.62 -29.43 12.60
CA GLN B 274 -17.59 -28.21 13.40
C GLN B 274 -16.85 -27.14 12.61
N PRO B 275 -17.05 -25.85 12.98
CA PRO B 275 -16.23 -24.81 12.36
C PRO B 275 -14.74 -25.13 12.52
N LYS B 276 -13.99 -25.07 11.43
CA LYS B 276 -12.57 -25.40 11.44
C LYS B 276 -11.78 -24.44 12.31
N LEU B 277 -10.92 -25.00 13.16
CA LEU B 277 -9.97 -24.20 13.92
C LEU B 277 -8.66 -24.10 13.15
N PHE B 278 -8.47 -22.96 12.48
CA PHE B 278 -7.22 -22.70 11.74
C PHE B 278 -6.11 -22.31 12.69
N GLU B 279 -4.92 -22.81 12.38
CA GLU B 279 -3.70 -22.34 13.03
C GLU B 279 -3.47 -20.85 12.76
N GLY B 280 -3.14 -20.11 13.81
CA GLY B 280 -2.81 -18.70 13.67
C GLY B 280 -1.32 -18.43 13.59
N ASN B 281 -0.87 -17.41 14.31
CA ASN B 281 0.53 -16.99 14.27
C ASN B 281 1.33 -17.48 15.49
N MET B 282 2.65 -17.41 15.37
CA MET B 282 3.57 -17.71 16.47
C MET B 282 4.44 -16.50 16.83
N HIS B 283 4.17 -15.37 16.16
CA HIS B 283 4.94 -14.13 16.30
C HIS B 283 4.06 -12.97 15.92
N TYR B 284 4.41 -11.77 16.37
CA TYR B 284 3.57 -10.59 16.13
C TYR B 284 3.69 -9.99 14.73
N ASP B 285 4.76 -10.32 14.01
CA ASP B 285 5.01 -9.78 12.67
C ASP B 285 4.94 -10.80 11.55
N THR B 286 5.62 -11.94 11.73
CA THR B 286 5.67 -12.97 10.70
C THR B 286 4.27 -13.50 10.44
N PRO B 287 3.75 -13.32 9.22
CA PRO B 287 2.37 -13.74 8.95
C PRO B 287 2.29 -15.21 8.56
N ASP B 288 1.07 -15.75 8.55
CA ASP B 288 0.84 -17.10 8.08
C ASP B 288 -0.29 -17.14 7.08
N ILE B 289 -0.08 -17.86 5.99
CA ILE B 289 -1.12 -18.05 4.98
C ILE B 289 -1.91 -19.32 5.29
N ARG B 290 -3.24 -19.20 5.28
CA ARG B 290 -4.12 -20.34 5.42
C ARG B 290 -5.06 -20.42 4.24
N ARG B 291 -4.87 -21.46 3.42
CA ARG B 291 -5.71 -21.68 2.25
C ARG B 291 -6.81 -22.67 2.59
N PHE B 292 -7.89 -22.60 1.82
CA PHE B 292 -8.99 -23.55 1.94
C PHE B 292 -9.64 -23.73 0.57
N ASP B 293 -10.57 -24.68 0.47
CA ASP B 293 -11.34 -24.88 -0.75
C ASP B 293 -12.08 -23.60 -1.14
N PRO B 294 -12.00 -23.21 -2.43
CA PRO B 294 -12.62 -21.95 -2.87
C PRO B 294 -14.11 -21.92 -2.55
N ILE B 295 -14.58 -20.77 -2.06
CA ILE B 295 -16.00 -20.56 -1.81
C ILE B 295 -16.41 -19.16 -2.29
N PRO B 296 -17.64 -19.04 -2.84
CA PRO B 296 -18.13 -17.72 -3.24
C PRO B 296 -18.54 -16.89 -2.02
N ALA B 297 -18.08 -15.64 -1.97
CA ALA B 297 -18.36 -14.76 -0.84
C ALA B 297 -18.11 -13.29 -1.18
N GLN B 298 -18.89 -12.42 -0.56
CA GLN B 298 -18.63 -10.99 -0.58
C GLN B 298 -18.10 -10.53 0.78
N TYR B 299 -18.57 -11.17 1.84
CA TYR B 299 -18.14 -10.84 3.20
C TYR B 299 -17.39 -12.00 3.82
N VAL B 300 -16.29 -11.68 4.51
CA VAL B 300 -15.49 -12.66 5.23
C VAL B 300 -15.22 -12.15 6.63
N ARG B 301 -15.33 -13.05 7.60
CA ARG B 301 -15.02 -12.75 9.00
C ARG B 301 -13.98 -13.69 9.58
N VAL B 302 -13.10 -13.16 10.41
CA VAL B 302 -12.18 -13.97 11.18
C VAL B 302 -12.54 -13.86 12.65
N TYR B 303 -12.83 -15.01 13.27
CA TYR B 303 -13.17 -15.07 14.69
C TYR B 303 -12.00 -15.68 15.47
N PRO B 304 -11.27 -14.84 16.24
CA PRO B 304 -10.20 -15.42 17.05
C PRO B 304 -10.74 -16.37 18.12
N GLU B 305 -10.06 -17.50 18.29
CA GLU B 305 -10.45 -18.53 19.25
C GLU B 305 -9.45 -18.61 20.41
N ARG B 306 -8.16 -18.58 20.06
CA ARG B 306 -7.08 -18.48 21.04
C ARG B 306 -6.04 -17.46 20.58
N TRP B 307 -5.42 -16.80 21.54
CA TRP B 307 -4.50 -15.70 21.27
C TRP B 307 -3.38 -15.70 22.25
N SER B 308 -2.38 -14.86 21.99
CA SER B 308 -1.21 -14.68 22.85
C SER B 308 -1.65 -14.18 24.24
N PRO B 309 -0.76 -14.30 25.25
CA PRO B 309 -1.06 -13.80 26.60
C PRO B 309 -1.47 -12.33 26.60
N ALA B 310 -0.84 -11.53 25.74
CA ALA B 310 -1.15 -10.10 25.61
C ALA B 310 -2.56 -9.81 25.06
N GLY B 311 -3.27 -10.83 24.58
CA GLY B 311 -4.62 -10.65 24.08
C GLY B 311 -4.71 -10.68 22.56
N ILE B 312 -5.85 -10.26 22.02
CA ILE B 312 -6.07 -10.27 20.56
C ILE B 312 -5.51 -9.02 19.90
N GLY B 313 -4.62 -9.24 18.94
CA GLY B 313 -4.16 -8.21 18.03
C GLY B 313 -3.97 -8.88 16.68
N MET B 314 -4.48 -8.27 15.63
CA MET B 314 -4.28 -8.85 14.30
C MET B 314 -4.40 -7.90 13.12
N ARG B 315 -3.70 -8.27 12.06
CA ARG B 315 -3.80 -7.65 10.76
C ARG B 315 -4.16 -8.76 9.79
N LEU B 316 -4.75 -8.43 8.65
CA LEU B 316 -5.35 -9.46 7.82
C LEU B 316 -5.34 -9.14 6.33
N GLU B 317 -5.22 -10.18 5.53
CA GLU B 317 -5.46 -10.11 4.10
C GLU B 317 -6.35 -11.27 3.70
N VAL B 318 -7.17 -11.06 2.67
CA VAL B 318 -8.02 -12.11 2.13
C VAL B 318 -7.48 -12.50 0.75
N LEU B 319 -7.46 -13.80 0.47
CA LEU B 319 -6.94 -14.32 -0.79
C LEU B 319 -8.05 -14.89 -1.64
N GLY B 320 -7.89 -14.73 -2.95
CA GLY B 320 -8.85 -15.26 -3.92
C GLY B 320 -8.66 -14.57 -5.26
N CYS B 321 -9.74 -14.48 -6.02
CA CYS B 321 -9.71 -13.79 -7.31
C CYS B 321 -11.10 -13.23 -7.63
N ASP B 322 -11.12 -12.21 -8.46
CA ASP B 322 -12.37 -11.63 -8.94
C ASP B 322 -13.12 -12.59 -9.85
N TRP B 323 -14.41 -12.36 -10.04
CA TRP B 323 -15.22 -13.10 -11.00
C TRP B 323 -14.99 -12.55 -12.37
N THR B 324 -15.37 -13.33 -13.38
CA THR B 324 -15.24 -12.91 -14.77
C THR B 324 -15.61 -11.44 -14.90
N SER B 325 -14.74 -10.66 -15.52
CA SER B 325 -14.95 -9.22 -15.66
C SER B 325 -15.46 -9.00 -17.07
N ILE B 326 -14.75 -9.56 -18.05
CA ILE B 326 -15.16 -9.48 -19.45
C ILE B 326 -16.17 -10.60 -19.73
N ILE B 327 -17.44 -10.22 -19.83
CA ILE B 327 -18.53 -11.18 -20.02
C ILE B 327 -19.24 -10.97 -21.35
N ARG B 328 -19.29 -12.04 -22.14
CA ARG B 328 -20.15 -12.14 -23.33
C ARG B 328 -20.73 -13.56 -23.33
N ARG B 329 -22.02 -13.66 -23.62
CA ARG B 329 -22.74 -14.95 -23.58
C ARG B 329 -22.39 -15.84 -24.75
C1 GOL C . 4.84 23.49 -9.67
O1 GOL C . 5.61 22.54 -10.41
C2 GOL C . 5.52 24.86 -9.60
O2 GOL C . 5.37 25.58 -10.83
C3 GOL C . 4.94 25.71 -8.46
O3 GOL C . 4.47 24.91 -7.38
C1 GOL D . -41.89 17.71 -18.84
O1 GOL D . -41.02 17.76 -17.69
C2 GOL D . -41.63 16.42 -19.62
O2 GOL D . -40.24 16.32 -19.93
C3 GOL D . -42.03 15.20 -18.79
O3 GOL D . -43.37 14.77 -19.11
C1 GOL E . -13.50 19.78 4.10
O1 GOL E . -12.62 20.33 5.09
C2 GOL E . -14.06 20.91 3.25
O2 GOL E . -13.21 21.08 2.13
C3 GOL E . -15.44 20.53 2.72
O3 GOL E . -16.23 21.72 2.54
S SO4 F . -28.88 8.99 -25.18
O1 SO4 F . -28.36 8.02 -26.16
O2 SO4 F . -27.78 9.41 -24.29
O3 SO4 F . -29.43 10.18 -25.89
O4 SO4 F . -29.95 8.38 -24.35
C1 GOL G . 42.46 -21.52 5.58
O1 GOL G . 41.44 -20.52 5.51
C2 GOL G . 42.18 -22.61 4.55
O2 GOL G . 42.56 -22.16 3.24
C3 GOL G . 42.98 -23.86 4.91
O3 GOL G . 42.86 -24.80 3.83
S SO4 H . 12.13 -12.81 18.40
O1 SO4 H . 13.56 -12.40 18.41
O2 SO4 H . 11.24 -11.63 18.39
O3 SO4 H . 11.91 -13.61 17.18
O4 SO4 H . 11.84 -13.63 19.60
#